data_9D43
#
_entry.id   9D43
#
_cell.length_a   1.00
_cell.length_b   1.00
_cell.length_c   1.00
_cell.angle_alpha   90.00
_cell.angle_beta   90.00
_cell.angle_gamma   90.00
#
_symmetry.space_group_name_H-M   'P 1'
#
_entity_poly.entity_id   1
_entity_poly.type   'polypeptide(L)'
_entity_poly.pdbx_seq_one_letter_code
;MDSTGASQIVSALDVIYSPKSNNSQRQEAQKFLDEVKLCSESPFWGYEIALQNPTNSILKYFGLGLLDHAVKKNWNDYDE
GKRVALRKWVMELNFGVQDYDTRYIKEKLATLWVEVAKRTWGEALKQTNPTEEQLLTSWVDMDNNLFELWNINQSSRELA
LIIFRILFEDVFLLDDLIVLKRMTVIQPLCVMIVCPIEVFAIKYKFSDKWTKFKANEEGWFSVWIPELNNALQQNNSEYI
IRLLETLKTCLNWPLTEVIVRNDVLSSLLTCLSSNIPRAQSMALDSIHILLTRPYSNESHYQMTIDRVFDNMDLLDSVYE
SLLFDPTDDIDETKYPIIKKFVDMISCLYVCVPKIKETNGQIQKYFKLVLKTTYNPSLIVSGLTLDLWCTCLRNDEYLPK
LEKYVIPDLLQFAADALVYYEQIDGHISKKFAEIDFQSKSEFQTFCSTYRKRIRDIIRLISCVELDLTYDWLNNRLNNYF
SSPFGQQVLSSTFLDHKLEPYLGALSQYMIVECFINGCIRWKIWYPTGDDYDEKLDSILQKLEILSNQLIALNLREPLLL
KKQIQNFALFLTMLKDNVLFTLLEKIITSATMDYPEINLEERGAESDAVRDLRYACGIELNRMALLMPESLKKIYPDLES
VIARIMPNLSYHEKISFKSFLLIIVLKSSLDMKEERFAAIVDPELLAWSDKTTVVGLSDLHWFMERLGIVQIAEYFQRRD
IDENSDLLSIPIDDEGKELKSELTKRWQSLFPVRATRMFIHYSMQSIKTDEEFKMLQDLWRPRIVPILPYITRLLYQLQS
YHDPDNWKGLPTVVQSFVKYSTIERFWEAGASNKSKDEFIDEHMKAMQTLRDFADSVGHIIRYTREYTLLVLSAISSLGS
VFYLLDESPDLLLNSIAIFKPGSNEISPGVSTHGWKHIMNIAIRPILKGCPKDCLGKFMPAFLPKLFEILDLLLCQKWSS
HMNDMDMNPVPTDDDQMTEEILEENLLRQLTTVVVRIVIDCVGQGNANPNSAKSRLNNHQMEMRKIIFNDLNTLAPFLKL
LNHLISFKDTKCSFNSILVMKCCLTSVLNQNNTVDEYFTFEVMKNLLLNVLCNSAFKDSFHEALYAFTVIFLTLCKEYPS
ARAFLFEISNGYNIDELYRNLRSVDEYKTQRALMIDFIDWVKSTSGKEDGNVDHAGDERKRQEKREAILKKANERLIKKN
KENGDMLDDPNIEDGAVGNLFDDNENLYFQ
;
_entity_poly.pdbx_strand_id   A
#
# COMPACT_ATOMS: atom_id res chain seq x y z
N GLY A 5 -12.86 55.26 -6.19
CA GLY A 5 -13.25 54.10 -5.42
C GLY A 5 -13.47 52.86 -6.27
N ALA A 6 -14.68 52.31 -6.22
CA ALA A 6 -15.01 51.12 -6.99
C ALA A 6 -15.11 51.39 -8.48
N SER A 7 -15.19 52.65 -8.89
CA SER A 7 -15.26 52.98 -10.32
C SER A 7 -13.99 52.54 -11.03
N GLN A 8 -12.83 52.69 -10.39
CA GLN A 8 -11.58 52.23 -10.98
C GLN A 8 -11.59 50.72 -11.18
N ILE A 9 -12.11 49.98 -10.19
CA ILE A 9 -12.19 48.53 -10.31
C ILE A 9 -13.13 48.14 -11.44
N VAL A 10 -14.27 48.84 -11.56
CA VAL A 10 -15.21 48.54 -12.63
C VAL A 10 -14.57 48.80 -13.99
N SER A 11 -13.86 49.92 -14.12
CA SER A 11 -13.19 50.24 -15.38
C SER A 11 -12.13 49.19 -15.72
N ALA A 12 -11.34 48.78 -14.72
CA ALA A 12 -10.31 47.78 -14.97
C ALA A 12 -10.92 46.44 -15.38
N LEU A 13 -12.02 46.04 -14.74
CA LEU A 13 -12.67 44.78 -15.09
C LEU A 13 -13.27 44.85 -16.49
N ASP A 14 -13.84 46.00 -16.86
CA ASP A 14 -14.36 46.16 -18.22
C ASP A 14 -13.23 46.11 -19.24
N VAL A 15 -12.09 46.72 -18.90
CA VAL A 15 -10.94 46.74 -19.81
C VAL A 15 -10.41 45.33 -20.02
N ILE A 16 -10.24 44.57 -18.93
CA ILE A 16 -9.67 43.24 -19.03
C ILE A 16 -10.58 42.28 -19.77
N TYR A 17 -11.87 42.58 -19.87
CA TYR A 17 -12.82 41.73 -20.58
C TYR A 17 -13.30 42.34 -21.88
N SER A 18 -12.83 43.54 -22.23
CA SER A 18 -13.21 44.15 -23.49
C SER A 18 -12.53 43.42 -24.65
N PRO A 19 -13.24 43.16 -25.75
CA PRO A 19 -12.60 42.49 -26.89
C PRO A 19 -11.54 43.35 -27.59
N LYS A 20 -11.55 44.66 -27.40
CA LYS A 20 -10.51 45.53 -27.94
C LYS A 20 -9.32 45.66 -27.00
N SER A 21 -9.24 44.84 -25.97
CA SER A 21 -8.16 44.97 -24.99
C SER A 21 -6.82 44.58 -25.58
N ASN A 22 -6.69 43.34 -26.05
CA ASN A 22 -5.44 42.79 -26.54
C ASN A 22 -4.35 42.86 -25.47
N ASN A 23 -3.12 42.47 -25.84
CA ASN A 23 -2.04 42.39 -24.86
C ASN A 23 -1.75 43.74 -24.20
N SER A 24 -2.04 44.83 -24.90
CA SER A 24 -1.75 46.16 -24.35
C SER A 24 -2.57 46.43 -23.08
N GLN A 25 -3.89 46.23 -23.16
CA GLN A 25 -4.75 46.60 -22.05
C GLN A 25 -4.71 45.60 -20.90
N ARG A 26 -4.52 44.30 -21.17
CA ARG A 26 -4.59 43.35 -20.07
C ARG A 26 -3.37 43.43 -19.16
N GLN A 27 -2.22 43.88 -19.67
CA GLN A 27 -1.14 44.29 -18.77
C GLN A 27 -1.52 45.55 -18.01
N GLU A 28 -2.25 46.46 -18.65
CA GLU A 28 -2.61 47.73 -18.01
C GLU A 28 -3.58 47.50 -16.85
N ALA A 29 -4.50 46.55 -16.99
CA ALA A 29 -5.56 46.35 -16.01
C ALA A 29 -5.27 45.25 -15.00
N GLN A 30 -4.73 44.11 -15.45
CA GLN A 30 -4.52 42.99 -14.53
C GLN A 30 -3.55 43.36 -13.42
N LYS A 31 -2.50 44.12 -13.74
CA LYS A 31 -1.60 44.61 -12.71
C LYS A 31 -2.31 45.55 -11.76
N PHE A 32 -3.19 46.41 -12.29
CA PHE A 32 -3.91 47.36 -11.44
C PHE A 32 -4.84 46.66 -10.46
N LEU A 33 -5.61 45.67 -10.95
CA LEU A 33 -6.53 44.98 -10.05
C LEU A 33 -5.79 44.16 -9.01
N ASP A 34 -4.61 43.62 -9.35
CA ASP A 34 -3.81 42.92 -8.35
C ASP A 34 -3.33 43.88 -7.27
N GLU A 35 -3.07 45.14 -7.63
CA GLU A 35 -2.71 46.13 -6.62
C GLU A 35 -3.87 46.39 -5.67
N VAL A 36 -5.10 46.43 -6.20
CA VAL A 36 -6.27 46.63 -5.36
C VAL A 36 -6.46 45.45 -4.41
N LYS A 37 -5.99 44.27 -4.80
CA LYS A 37 -6.13 43.08 -3.96
C LYS A 37 -5.45 43.26 -2.61
N LEU A 38 -4.34 44.01 -2.58
CA LEU A 38 -3.59 44.22 -1.35
C LEU A 38 -3.98 45.50 -0.62
N CYS A 39 -4.89 46.30 -1.17
CA CYS A 39 -5.26 47.55 -0.55
C CYS A 39 -6.14 47.31 0.68
N SER A 40 -6.10 48.27 1.61
CA SER A 40 -6.88 48.16 2.82
C SER A 40 -8.38 48.18 2.55
N GLU A 41 -8.82 49.05 1.62
CA GLU A 41 -10.23 49.20 1.30
C GLU A 41 -10.74 48.13 0.35
N SER A 42 -10.00 47.04 0.14
CA SER A 42 -10.44 45.99 -0.76
C SER A 42 -11.75 45.34 -0.33
N PRO A 43 -11.95 44.93 0.94
CA PRO A 43 -13.24 44.34 1.30
C PRO A 43 -14.42 45.27 1.09
N PHE A 44 -14.26 46.56 1.40
CA PHE A 44 -15.35 47.50 1.21
C PHE A 44 -15.71 47.65 -0.27
N TRP A 45 -14.70 47.75 -1.13
CA TRP A 45 -14.97 47.83 -2.56
C TRP A 45 -15.63 46.57 -3.08
N GLY A 46 -15.17 45.40 -2.61
CA GLY A 46 -15.77 44.16 -3.04
C GLY A 46 -17.22 44.04 -2.61
N TYR A 47 -17.54 44.46 -1.39
CA TYR A 47 -18.92 44.46 -0.93
C TYR A 47 -19.76 45.45 -1.75
N GLU A 48 -19.20 46.63 -2.03
CA GLU A 48 -19.96 47.64 -2.77
C GLU A 48 -20.28 47.19 -4.18
N ILE A 49 -19.30 46.60 -4.89
CA ILE A 49 -19.52 46.25 -6.28
C ILE A 49 -20.51 45.10 -6.40
N ALA A 50 -20.43 44.12 -5.49
CA ALA A 50 -21.33 42.97 -5.56
C ALA A 50 -22.78 43.39 -5.38
N LEU A 51 -23.04 44.28 -4.43
CA LEU A 51 -24.42 44.72 -4.19
C LEU A 51 -24.92 45.61 -5.32
N GLN A 52 -24.07 46.47 -5.87
CA GLN A 52 -24.52 47.42 -6.88
C GLN A 52 -24.75 46.76 -8.22
N ASN A 53 -24.07 45.64 -8.50
CA ASN A 53 -24.15 44.97 -9.79
C ASN A 53 -24.50 43.50 -9.58
N PRO A 54 -25.77 43.20 -9.34
CA PRO A 54 -26.17 41.80 -9.17
C PRO A 54 -26.31 41.07 -10.49
N THR A 55 -26.69 41.80 -11.55
CA THR A 55 -26.89 41.18 -12.85
C THR A 55 -25.58 40.64 -13.41
N ASN A 56 -24.49 41.40 -13.29
CA ASN A 56 -23.20 40.98 -13.82
C ASN A 56 -22.65 39.83 -12.98
N SER A 57 -22.65 38.63 -13.54
CA SER A 57 -22.25 37.45 -12.78
C SER A 57 -20.76 37.47 -12.45
N ILE A 58 -19.91 37.73 -13.44
CA ILE A 58 -18.48 37.66 -13.21
C ILE A 58 -18.00 38.81 -12.32
N LEU A 59 -18.54 40.01 -12.53
CA LEU A 59 -18.15 41.16 -11.72
C LEU A 59 -18.52 40.95 -10.26
N LYS A 60 -19.74 40.47 -10.00
CA LYS A 60 -20.13 40.14 -8.64
C LYS A 60 -19.26 39.01 -8.09
N TYR A 61 -18.91 38.05 -8.93
CA TYR A 61 -17.98 37.00 -8.51
C TYR A 61 -16.62 37.57 -8.14
N PHE A 62 -16.15 38.55 -8.92
CA PHE A 62 -14.88 39.19 -8.60
C PHE A 62 -14.94 39.92 -7.26
N GLY A 63 -16.04 40.64 -7.00
CA GLY A 63 -16.19 41.30 -5.72
C GLY A 63 -16.23 40.31 -4.56
N LEU A 64 -16.95 39.20 -4.75
CA LEU A 64 -17.02 38.17 -3.71
C LEU A 64 -15.65 37.54 -3.49
N GLY A 65 -14.87 37.35 -4.56
CA GLY A 65 -13.52 36.84 -4.41
C GLY A 65 -12.62 37.79 -3.65
N LEU A 66 -12.75 39.09 -3.91
CA LEU A 66 -12.00 40.07 -3.14
C LEU A 66 -12.38 40.02 -1.67
N LEU A 67 -13.69 39.92 -1.39
CA LEU A 67 -14.14 39.83 0.00
C LEU A 67 -13.61 38.58 0.67
N ASP A 68 -13.60 37.45 -0.05
CA ASP A 68 -13.07 36.20 0.50
C ASP A 68 -11.57 36.32 0.78
N HIS A 69 -10.82 36.96 -0.13
CA HIS A 69 -9.40 37.16 0.11
C HIS A 69 -9.16 38.04 1.32
N ALA A 70 -10.01 39.05 1.51
CA ALA A 70 -9.86 39.93 2.67
C ALA A 70 -10.07 39.16 3.97
N VAL A 71 -11.04 38.24 4.00
CA VAL A 71 -11.38 37.52 5.22
C VAL A 71 -10.46 36.34 5.50
N LYS A 72 -9.60 35.97 4.56
CA LYS A 72 -8.71 34.82 4.75
C LYS A 72 -7.29 35.22 5.09
N LYS A 73 -6.84 36.40 4.68
CA LYS A 73 -5.48 36.86 4.94
C LYS A 73 -5.40 38.07 5.85
N ASN A 74 -6.26 39.06 5.65
CA ASN A 74 -6.24 40.29 6.43
C ASN A 74 -7.13 40.22 7.67
N TRP A 75 -7.73 39.06 7.95
CA TRP A 75 -8.65 38.95 9.07
C TRP A 75 -7.92 38.96 10.40
N ASN A 76 -6.68 38.48 10.44
CA ASN A 76 -5.99 38.29 11.71
C ASN A 76 -5.75 39.62 12.43
N ASP A 77 -5.34 40.65 11.69
CA ASP A 77 -5.03 41.95 12.28
C ASP A 77 -6.23 42.88 12.39
N TYR A 78 -7.39 42.46 11.90
CA TYR A 78 -8.57 43.30 11.98
C TYR A 78 -9.04 43.44 13.43
N ASP A 79 -9.51 44.64 13.77
CA ASP A 79 -10.08 44.87 15.09
C ASP A 79 -11.55 44.45 15.11
N GLU A 80 -12.18 44.61 16.27
CA GLU A 80 -13.56 44.14 16.43
C GLU A 80 -14.51 44.86 15.50
N GLY A 81 -14.32 46.18 15.33
CA GLY A 81 -15.19 46.93 14.43
C GLY A 81 -15.13 46.44 13.00
N LYS A 82 -13.91 46.21 12.51
CA LYS A 82 -13.76 45.70 11.15
C LYS A 82 -14.38 44.32 11.00
N ARG A 83 -14.19 43.46 12.01
CA ARG A 83 -14.75 42.11 11.96
C ARG A 83 -16.27 42.15 11.90
N VAL A 84 -16.89 42.98 12.77
CA VAL A 84 -18.35 43.04 12.78
C VAL A 84 -18.88 43.68 11.50
N ALA A 85 -18.15 44.67 10.96
CA ALA A 85 -18.57 45.28 9.71
C ALA A 85 -18.51 44.27 8.56
N LEU A 86 -17.45 43.46 8.51
CA LEU A 86 -17.35 42.45 7.47
C LEU A 86 -18.43 41.39 7.62
N ARG A 87 -18.72 41.00 8.86
CA ARG A 87 -19.79 40.03 9.10
C ARG A 87 -21.13 40.58 8.65
N LYS A 88 -21.42 41.84 8.95
CA LYS A 88 -22.67 42.45 8.50
C LYS A 88 -22.73 42.54 6.98
N TRP A 89 -21.60 42.86 6.34
CA TRP A 89 -21.57 42.91 4.88
C TRP A 89 -21.86 41.55 4.27
N VAL A 90 -21.25 40.50 4.81
CA VAL A 90 -21.52 39.14 4.32
C VAL A 90 -22.97 38.76 4.54
N MET A 91 -23.51 39.13 5.70
CA MET A 91 -24.91 38.84 6.01
C MET A 91 -25.84 39.51 5.00
N GLU A 92 -25.59 40.79 4.71
CA GLU A 92 -26.42 41.51 3.77
C GLU A 92 -26.29 40.93 2.36
N LEU A 93 -25.07 40.57 1.96
CA LEU A 93 -24.87 40.01 0.63
C LEU A 93 -25.59 38.67 0.46
N ASN A 94 -25.53 37.82 1.49
CA ASN A 94 -26.19 36.51 1.39
C ASN A 94 -27.69 36.66 1.34
N PHE A 95 -28.26 37.59 2.10
CA PHE A 95 -29.71 37.76 2.14
C PHE A 95 -30.29 38.25 0.82
N GLY A 96 -29.46 38.80 -0.06
CA GLY A 96 -29.94 39.37 -1.31
C GLY A 96 -29.95 38.40 -2.47
N VAL A 97 -29.82 37.11 -2.18
CA VAL A 97 -29.78 36.11 -3.25
C VAL A 97 -31.14 36.01 -3.92
N GLN A 98 -31.15 36.06 -5.24
CA GLN A 98 -32.37 35.99 -6.04
C GLN A 98 -32.27 34.82 -7.02
N ASP A 99 -33.28 34.72 -7.89
CA ASP A 99 -33.34 33.60 -8.84
C ASP A 99 -32.22 33.67 -9.86
N TYR A 100 -31.87 34.87 -10.33
CA TYR A 100 -30.90 35.00 -11.42
C TYR A 100 -29.49 34.61 -11.00
N ASP A 101 -29.22 34.44 -9.71
CA ASP A 101 -27.90 34.02 -9.26
C ASP A 101 -27.59 32.61 -9.75
N THR A 102 -26.37 32.42 -10.25
CA THR A 102 -25.93 31.13 -10.76
C THR A 102 -25.63 30.19 -9.59
N ARG A 103 -25.20 28.97 -9.93
CA ARG A 103 -24.91 27.98 -8.90
C ARG A 103 -23.61 28.28 -8.18
N TYR A 104 -22.55 28.65 -8.93
CA TYR A 104 -21.24 28.83 -8.30
C TYR A 104 -21.15 30.11 -7.50
N ILE A 105 -21.90 31.16 -7.86
CA ILE A 105 -21.91 32.36 -7.05
C ILE A 105 -22.56 32.10 -5.71
N LYS A 106 -23.59 31.24 -5.68
CA LYS A 106 -24.17 30.83 -4.41
C LYS A 106 -23.17 30.05 -3.58
N GLU A 107 -22.37 29.21 -4.23
CA GLU A 107 -21.31 28.49 -3.52
C GLU A 107 -20.29 29.44 -2.92
N LYS A 108 -19.91 30.47 -3.67
CA LYS A 108 -18.98 31.47 -3.16
C LYS A 108 -19.57 32.23 -1.97
N LEU A 109 -20.85 32.59 -2.06
CA LEU A 109 -21.52 33.27 -0.94
C LEU A 109 -21.57 32.37 0.29
N ALA A 110 -21.84 31.07 0.09
CA ALA A 110 -21.86 30.14 1.21
C ALA A 110 -20.47 30.01 1.84
N THR A 111 -19.43 29.96 1.00
CA THR A 111 -18.07 29.91 1.52
C THR A 111 -17.74 31.17 2.32
N LEU A 112 -18.18 32.33 1.83
CA LEU A 112 -17.98 33.57 2.57
C LEU A 112 -18.68 33.54 3.92
N TRP A 113 -19.92 33.02 3.95
CA TRP A 113 -20.64 32.92 5.21
C TRP A 113 -19.93 31.98 6.18
N VAL A 114 -19.45 30.83 5.68
CA VAL A 114 -18.85 29.84 6.55
C VAL A 114 -17.53 30.32 7.12
N GLU A 115 -16.72 31.01 6.30
CA GLU A 115 -15.41 31.45 6.75
C GLU A 115 -15.52 32.44 7.92
N VAL A 116 -16.50 33.35 7.85
CA VAL A 116 -16.71 34.29 8.95
C VAL A 116 -17.14 33.55 10.20
N ALA A 117 -18.02 32.56 10.04
CA ALA A 117 -18.55 31.85 11.21
C ALA A 117 -17.46 31.07 11.94
N LYS A 118 -16.55 30.44 11.20
CA LYS A 118 -15.54 29.60 11.83
C LYS A 118 -14.63 30.39 12.77
N ARG A 119 -14.42 31.68 12.49
CA ARG A 119 -13.52 32.50 13.28
C ARG A 119 -14.22 33.34 14.34
N THR A 120 -15.55 33.33 14.38
CA THR A 120 -16.26 34.18 15.32
C THR A 120 -17.26 33.41 16.18
N TRP A 121 -17.92 32.40 15.59
CA TRP A 121 -18.99 31.71 16.27
C TRP A 121 -18.47 30.95 17.48
N GLY A 122 -19.10 31.16 18.63
CA GLY A 122 -18.74 30.47 19.85
C GLY A 122 -17.53 31.00 20.58
N GLU A 123 -16.98 32.13 20.15
CA GLU A 123 -15.77 32.64 20.79
C GLU A 123 -16.00 33.04 22.23
N ALA A 124 -17.25 33.39 22.58
CA ALA A 124 -17.57 33.81 23.94
C ALA A 124 -17.85 32.66 24.89
N LEU A 125 -17.85 31.42 24.40
CA LEU A 125 -18.16 30.28 25.26
C LEU A 125 -17.03 30.01 26.25
N LYS A 126 -15.79 30.33 25.89
CA LYS A 126 -14.66 30.03 26.76
C LYS A 126 -14.63 30.89 28.03
N GLN A 127 -15.43 31.94 28.09
CA GLN A 127 -15.49 32.82 29.26
C GLN A 127 -16.86 32.72 29.90
N THR A 128 -16.88 32.41 31.20
CA THR A 128 -18.13 32.34 31.93
C THR A 128 -18.76 33.72 32.05
N ASN A 129 -20.08 33.78 31.85
CA ASN A 129 -20.85 35.01 31.86
C ASN A 129 -20.23 36.03 30.90
N PRO A 130 -20.29 35.79 29.59
CA PRO A 130 -19.63 36.70 28.64
C PRO A 130 -20.35 38.03 28.44
N THR A 131 -21.51 38.23 29.07
CA THR A 131 -22.30 39.45 28.95
C THR A 131 -22.74 39.72 27.51
N GLU A 132 -23.39 40.86 27.28
CA GLU A 132 -23.95 41.14 25.96
C GLU A 132 -22.87 41.50 24.95
N GLU A 133 -21.79 42.15 25.39
CA GLU A 133 -20.78 42.61 24.45
C GLU A 133 -20.10 41.46 23.72
N GLN A 134 -19.76 40.40 24.44
CA GLN A 134 -19.11 39.25 23.81
C GLN A 134 -20.06 38.46 22.92
N LEU A 135 -21.36 38.47 23.27
CA LEU A 135 -22.33 37.74 22.46
C LEU A 135 -22.42 38.31 21.04
N LEU A 136 -22.42 39.64 20.92
CA LEU A 136 -22.44 40.25 19.60
C LEU A 136 -21.17 39.93 18.83
N THR A 137 -20.02 39.97 19.50
CA THR A 137 -18.76 39.65 18.84
C THR A 137 -18.67 38.17 18.47
N SER A 138 -19.33 37.31 19.23
CA SER A 138 -19.26 35.87 19.00
C SER A 138 -20.35 35.37 18.07
N TRP A 139 -21.16 36.26 17.49
CA TRP A 139 -22.23 35.90 16.56
C TRP A 139 -23.22 34.92 17.21
N VAL A 140 -23.88 35.41 18.26
CA VAL A 140 -24.82 34.57 19.00
C VAL A 140 -26.08 34.30 18.19
N ASP A 141 -26.34 35.08 17.13
CA ASP A 141 -27.55 34.94 16.33
C ASP A 141 -27.32 34.12 15.07
N MET A 142 -26.29 33.27 15.05
CA MET A 142 -25.99 32.49 13.85
C MET A 142 -27.15 31.56 13.50
N ASP A 143 -27.66 30.82 14.49
CA ASP A 143 -28.77 29.92 14.23
C ASP A 143 -30.03 30.68 13.85
N ASN A 144 -30.31 31.79 14.55
CA ASN A 144 -31.49 32.58 14.24
C ASN A 144 -31.41 33.18 12.84
N ASN A 145 -30.25 33.68 12.46
CA ASN A 145 -30.08 34.24 11.12
C ASN A 145 -30.23 33.17 10.05
N LEU A 146 -29.71 31.96 10.30
CA LEU A 146 -29.90 30.86 9.37
C LEU A 146 -31.37 30.50 9.22
N PHE A 147 -32.10 30.46 10.35
CA PHE A 147 -33.53 30.16 10.28
C PHE A 147 -34.27 31.25 9.52
N GLU A 148 -33.90 32.51 9.71
CA GLU A 148 -34.51 33.60 8.95
C GLU A 148 -34.22 33.45 7.46
N LEU A 149 -33.00 33.07 7.11
CA LEU A 149 -32.64 32.85 5.72
C LEU A 149 -33.35 31.63 5.13
N TRP A 150 -33.78 30.69 5.97
CA TRP A 150 -34.40 29.47 5.47
C TRP A 150 -35.74 29.74 4.76
N ASN A 151 -36.49 30.73 5.23
CA ASN A 151 -37.84 30.98 4.73
C ASN A 151 -37.97 32.34 4.08
N ILE A 152 -36.99 32.69 3.25
CA ILE A 152 -37.06 33.91 2.43
C ILE A 152 -37.46 33.59 0.99
N ASN A 153 -36.77 32.65 0.37
CA ASN A 153 -37.06 32.27 -1.01
C ASN A 153 -36.51 30.87 -1.24
N GLN A 154 -36.97 30.25 -2.34
CA GLN A 154 -36.46 28.93 -2.70
C GLN A 154 -34.95 28.97 -2.95
N SER A 155 -34.49 30.00 -3.66
CA SER A 155 -33.06 30.19 -3.84
C SER A 155 -32.37 30.44 -2.50
N SER A 156 -33.03 31.18 -1.62
CA SER A 156 -32.49 31.39 -0.27
C SER A 156 -32.40 30.06 0.49
N ARG A 157 -33.41 29.20 0.33
CA ARG A 157 -33.37 27.89 0.98
C ARG A 157 -32.22 27.05 0.45
N GLU A 158 -32.00 27.09 -0.87
CA GLU A 158 -30.87 26.37 -1.46
C GLU A 158 -29.54 26.91 -0.94
N LEU A 159 -29.44 28.25 -0.81
CA LEU A 159 -28.24 28.84 -0.26
C LEU A 159 -28.01 28.40 1.18
N ALA A 160 -29.08 28.33 1.97
CA ALA A 160 -28.95 27.86 3.35
C ALA A 160 -28.49 26.41 3.39
N LEU A 161 -29.02 25.57 2.49
CA LEU A 161 -28.58 24.18 2.44
C LEU A 161 -27.11 24.08 2.08
N ILE A 162 -26.66 24.89 1.12
CA ILE A 162 -25.24 24.89 0.74
C ILE A 162 -24.39 25.38 1.89
N ILE A 163 -24.85 26.39 2.63
CA ILE A 163 -24.11 26.89 3.78
C ILE A 163 -23.96 25.79 4.82
N PHE A 164 -25.05 25.07 5.10
CA PHE A 164 -24.98 23.98 6.06
C PHE A 164 -24.02 22.90 5.60
N ARG A 165 -24.08 22.54 4.32
CA ARG A 165 -23.18 21.50 3.80
C ARG A 165 -21.72 21.91 3.94
N ILE A 166 -21.40 23.16 3.57
CA ILE A 166 -20.02 23.62 3.65
C ILE A 166 -19.56 23.69 5.09
N LEU A 167 -20.42 24.18 6.00
CA LEU A 167 -20.04 24.27 7.40
C LEU A 167 -19.79 22.90 8.00
N PHE A 168 -20.65 21.92 7.69
CA PHE A 168 -20.48 20.59 8.27
C PHE A 168 -19.32 19.84 7.62
N GLU A 169 -18.98 20.17 6.38
CA GLU A 169 -17.85 19.50 5.73
C GLU A 169 -16.53 19.91 6.36
N ASP A 170 -16.34 21.22 6.59
CA ASP A 170 -15.07 21.69 7.13
C ASP A 170 -14.85 21.21 8.56
N VAL A 171 -15.91 21.22 9.38
CA VAL A 171 -15.76 20.95 10.80
C VAL A 171 -15.42 19.49 11.05
N PHE A 172 -16.13 18.58 10.38
CA PHE A 172 -16.06 17.17 10.71
C PHE A 172 -15.32 16.31 9.71
N LEU A 173 -15.07 16.80 8.50
CA LEU A 173 -14.40 16.01 7.47
C LEU A 173 -13.03 16.57 7.11
N LEU A 174 -12.95 17.84 6.71
CA LEU A 174 -11.67 18.39 6.31
C LEU A 174 -10.74 18.59 7.50
N ASP A 175 -11.27 19.08 8.62
CA ASP A 175 -10.49 19.33 9.83
C ASP A 175 -9.32 20.27 9.55
N ASP A 176 -9.65 21.48 9.13
CA ASP A 176 -8.64 22.49 8.83
C ASP A 176 -8.11 23.11 10.12
N LEU A 177 -7.13 24.00 9.97
CA LEU A 177 -6.46 24.57 11.13
C LEU A 177 -7.40 25.41 11.98
N ILE A 178 -8.27 26.19 11.35
CA ILE A 178 -9.16 27.07 12.11
C ILE A 178 -10.11 26.26 12.99
N VAL A 179 -10.69 25.20 12.43
CA VAL A 179 -11.57 24.34 13.22
C VAL A 179 -10.77 23.60 14.28
N LEU A 180 -9.58 23.12 13.93
CA LEU A 180 -8.75 22.40 14.89
C LEU A 180 -8.38 23.28 16.08
N LYS A 181 -8.28 24.59 15.87
CA LYS A 181 -7.94 25.49 16.97
C LYS A 181 -9.09 25.65 17.95
N ARG A 182 -10.33 25.53 17.48
CA ARG A 182 -11.51 25.73 18.31
C ARG A 182 -12.47 24.55 18.17
N MET A 183 -11.93 23.34 18.14
CA MET A 183 -12.77 22.16 17.98
C MET A 183 -13.71 21.99 19.17
N THR A 184 -13.18 22.14 20.39
CA THR A 184 -13.93 21.86 21.61
C THR A 184 -15.10 22.82 21.81
N VAL A 185 -15.16 23.92 21.06
CA VAL A 185 -16.29 24.82 21.09
C VAL A 185 -17.14 24.70 19.84
N ILE A 186 -16.52 24.51 18.68
CA ILE A 186 -17.27 24.45 17.43
C ILE A 186 -18.12 23.20 17.38
N GLN A 187 -17.54 22.04 17.70
CA GLN A 187 -18.29 20.79 17.60
C GLN A 187 -19.51 20.75 18.52
N PRO A 188 -19.44 21.15 19.80
CA PRO A 188 -20.67 21.19 20.59
C PRO A 188 -21.73 22.11 20.02
N LEU A 189 -21.34 23.23 19.40
CA LEU A 189 -22.33 24.08 18.75
C LEU A 189 -22.98 23.38 17.57
N CYS A 190 -22.19 22.64 16.79
CA CYS A 190 -22.74 21.88 15.67
C CYS A 190 -23.72 20.83 16.16
N VAL A 191 -23.42 20.18 17.28
CA VAL A 191 -24.36 19.23 17.86
C VAL A 191 -25.61 19.97 18.36
N MET A 192 -25.43 21.19 18.88
CA MET A 192 -26.56 21.97 19.39
C MET A 192 -27.55 22.30 18.30
N ILE A 193 -27.06 22.79 17.15
CA ILE A 193 -27.97 23.35 16.15
C ILE A 193 -28.90 22.25 15.59
N VAL A 194 -28.39 21.03 15.44
CA VAL A 194 -29.18 19.96 14.84
C VAL A 194 -30.05 19.26 15.87
N CYS A 195 -29.48 18.90 17.03
CA CYS A 195 -30.21 18.12 18.02
C CYS A 195 -31.17 19.00 18.82
N PRO A 196 -32.24 18.42 19.35
CA PRO A 196 -33.16 19.18 20.20
C PRO A 196 -32.51 19.54 21.53
N ILE A 197 -33.18 20.45 22.24
CA ILE A 197 -32.63 20.98 23.49
C ILE A 197 -32.58 19.88 24.55
N GLU A 198 -33.68 19.16 24.73
CA GLU A 198 -33.74 18.16 25.81
C GLU A 198 -32.81 16.98 25.54
N VAL A 199 -32.56 16.65 24.27
CA VAL A 199 -31.63 15.58 23.96
C VAL A 199 -30.20 16.02 24.27
N PHE A 200 -29.87 17.27 23.95
CA PHE A 200 -28.51 17.76 24.17
C PHE A 200 -28.15 17.80 25.65
N ALA A 201 -29.10 18.19 26.50
CA ALA A 201 -28.81 18.39 27.91
C ALA A 201 -28.37 17.11 28.59
N ILE A 202 -29.03 15.99 28.27
CA ILE A 202 -28.71 14.72 28.94
C ILE A 202 -27.30 14.27 28.58
N LYS A 203 -26.96 14.30 27.28
CA LYS A 203 -25.68 13.78 26.83
C LYS A 203 -24.53 14.73 27.16
N TYR A 204 -24.73 16.03 26.98
CA TYR A 204 -23.66 17.01 27.05
C TYR A 204 -23.75 17.84 28.33
N LYS A 205 -22.89 18.86 28.41
CA LYS A 205 -22.76 19.73 29.58
C LYS A 205 -23.51 21.05 29.38
N PHE A 206 -24.69 21.00 28.77
CA PHE A 206 -25.46 22.19 28.46
C PHE A 206 -25.67 23.05 29.69
N SER A 207 -25.47 24.36 29.53
CA SER A 207 -25.62 25.34 30.60
C SER A 207 -26.53 26.47 30.11
N ASP A 208 -26.73 27.45 30.99
CA ASP A 208 -27.63 28.56 30.65
C ASP A 208 -27.08 29.39 29.49
N LYS A 209 -25.77 29.62 29.46
CA LYS A 209 -25.20 30.45 28.41
C LYS A 209 -25.28 29.77 27.04
N TRP A 210 -25.31 28.44 27.01
CA TRP A 210 -25.29 27.73 25.74
C TRP A 210 -26.61 27.86 24.99
N THR A 211 -27.73 27.92 25.70
CA THR A 211 -29.04 27.96 25.05
C THR A 211 -29.28 29.26 24.28
N LYS A 212 -28.48 30.30 24.51
CA LYS A 212 -28.65 31.55 23.78
C LYS A 212 -28.28 31.42 22.31
N PHE A 213 -27.52 30.39 21.93
CA PHE A 213 -27.08 30.20 20.56
C PHE A 213 -28.05 29.35 19.73
N LYS A 214 -29.19 28.97 20.30
CA LYS A 214 -30.17 28.15 19.60
C LYS A 214 -31.44 28.96 19.35
N ALA A 215 -32.00 28.81 18.14
CA ALA A 215 -33.20 29.53 17.77
C ALA A 215 -34.46 28.70 18.05
N ASN A 216 -34.54 27.51 17.48
CA ASN A 216 -35.69 26.62 17.65
C ASN A 216 -35.29 25.43 18.51
N GLU A 217 -36.12 25.11 19.50
CA GLU A 217 -35.82 24.02 20.41
C GLU A 217 -35.95 22.65 19.74
N GLU A 218 -36.68 22.56 18.63
CA GLU A 218 -36.88 21.27 17.99
C GLU A 218 -35.64 20.78 17.26
N GLY A 219 -34.79 21.71 16.82
CA GLY A 219 -33.62 21.36 16.05
C GLY A 219 -33.87 21.44 14.55
N TRP A 220 -32.77 21.28 13.80
CA TRP A 220 -32.85 21.38 12.34
C TRP A 220 -33.24 20.07 11.68
N PHE A 221 -32.97 18.93 12.31
CA PHE A 221 -33.40 17.66 11.75
C PHE A 221 -34.92 17.51 11.75
N SER A 222 -35.62 18.34 12.51
CA SER A 222 -37.09 18.34 12.48
C SER A 222 -37.64 19.18 11.34
N VAL A 223 -36.77 19.79 10.54
CA VAL A 223 -37.18 20.60 9.40
C VAL A 223 -36.76 19.96 8.09
N TRP A 224 -35.51 19.48 8.01
CA TRP A 224 -35.02 18.87 6.78
C TRP A 224 -35.78 17.59 6.45
N ILE A 225 -35.95 16.71 7.44
CA ILE A 225 -36.60 15.42 7.19
C ILE A 225 -38.03 15.60 6.70
N PRO A 226 -38.88 16.41 7.33
CA PRO A 226 -40.21 16.66 6.72
C PRO A 226 -40.12 17.27 5.35
N GLU A 227 -39.14 18.15 5.11
CA GLU A 227 -38.98 18.73 3.78
C GLU A 227 -38.60 17.67 2.75
N LEU A 228 -37.70 16.75 3.12
CA LEU A 228 -37.31 15.70 2.20
C LEU A 228 -38.49 14.78 1.88
N ASN A 229 -39.29 14.44 2.90
CA ASN A 229 -40.47 13.62 2.66
C ASN A 229 -41.48 14.34 1.79
N ASN A 230 -41.69 15.63 2.03
CA ASN A 230 -42.61 16.40 1.20
C ASN A 230 -42.13 16.49 -0.24
N ALA A 231 -40.82 16.68 -0.44
CA ALA A 231 -40.28 16.69 -1.79
C ALA A 231 -40.43 15.34 -2.47
N LEU A 232 -40.29 14.26 -1.70
CA LEU A 232 -40.50 12.92 -2.25
C LEU A 232 -41.94 12.74 -2.72
N GLN A 233 -42.91 13.24 -1.94
CA GLN A 233 -44.30 13.13 -2.33
C GLN A 233 -44.58 13.90 -3.62
N GLN A 234 -44.01 15.10 -3.75
CA GLN A 234 -44.19 15.91 -4.94
C GLN A 234 -43.24 15.56 -6.07
N ASN A 235 -42.29 14.65 -5.82
CA ASN A 235 -41.34 14.19 -6.84
C ASN A 235 -40.55 15.36 -7.44
N ASN A 236 -40.09 16.27 -6.57
CA ASN A 236 -39.25 17.39 -6.98
C ASN A 236 -37.80 16.91 -6.96
N SER A 237 -37.30 16.51 -8.14
CA SER A 237 -35.99 15.88 -8.20
C SER A 237 -34.88 16.82 -7.76
N GLU A 238 -34.93 18.08 -8.18
CA GLU A 238 -33.84 19.01 -7.90
C GLU A 238 -33.69 19.26 -6.40
N TYR A 239 -34.81 19.44 -5.70
CA TYR A 239 -34.74 19.69 -4.26
C TYR A 239 -34.20 18.48 -3.51
N ILE A 240 -34.58 17.28 -3.93
CA ILE A 240 -34.14 16.06 -3.27
C ILE A 240 -32.62 15.93 -3.35
N ILE A 241 -32.04 16.34 -4.48
CA ILE A 241 -30.59 16.23 -4.66
C ILE A 241 -29.86 17.08 -3.63
N ARG A 242 -30.29 18.35 -3.48
CA ARG A 242 -29.66 19.23 -2.50
C ARG A 242 -29.88 18.73 -1.08
N LEU A 243 -31.09 18.28 -0.77
CA LEU A 243 -31.36 17.79 0.58
C LEU A 243 -30.50 16.58 0.91
N LEU A 244 -30.36 15.65 -0.03
CA LEU A 244 -29.50 14.49 0.20
C LEU A 244 -28.03 14.87 0.26
N GLU A 245 -27.63 15.90 -0.50
CA GLU A 245 -26.25 16.37 -0.41
C GLU A 245 -25.95 16.90 0.98
N THR A 246 -26.89 17.64 1.57
CA THR A 246 -26.71 18.09 2.96
C THR A 246 -26.74 16.91 3.93
N LEU A 247 -27.66 15.97 3.72
CA LEU A 247 -27.84 14.87 4.66
C LEU A 247 -26.63 13.94 4.69
N LYS A 248 -26.02 13.68 3.53
CA LYS A 248 -24.89 12.76 3.48
C LYS A 248 -23.71 13.26 4.29
N THR A 249 -23.63 14.57 4.55
CA THR A 249 -22.60 15.12 5.41
C THR A 249 -23.08 15.35 6.83
N CYS A 250 -24.38 15.57 7.04
CA CYS A 250 -24.90 15.85 8.36
C CYS A 250 -25.37 14.61 9.12
N LEU A 251 -25.32 13.43 8.51
CA LEU A 251 -25.86 12.24 9.17
C LEU A 251 -24.85 11.46 10.00
N ASN A 252 -23.55 11.80 9.95
CA ASN A 252 -22.56 10.98 10.62
C ASN A 252 -22.43 11.32 12.10
N TRP A 253 -22.05 12.56 12.41
CA TRP A 253 -21.64 12.97 13.75
C TRP A 253 -22.76 13.14 14.78
N PRO A 254 -23.96 13.63 14.43
CA PRO A 254 -24.93 13.99 15.48
C PRO A 254 -25.38 12.78 16.29
N LEU A 255 -26.13 13.07 17.34
CA LEU A 255 -26.60 12.06 18.27
C LEU A 255 -27.55 11.09 17.57
N THR A 256 -27.58 9.86 18.08
CA THR A 256 -28.45 8.83 17.50
C THR A 256 -29.91 9.05 17.86
N GLU A 257 -30.19 9.72 18.98
CA GLU A 257 -31.57 9.89 19.42
C GLU A 257 -32.40 10.67 18.41
N VAL A 258 -31.85 11.76 17.88
CA VAL A 258 -32.59 12.58 16.93
C VAL A 258 -32.79 11.83 15.61
N ILE A 259 -31.78 11.08 15.18
CA ILE A 259 -31.89 10.28 13.97
C ILE A 259 -33.01 9.24 14.12
N VAL A 260 -33.05 8.57 15.28
CA VAL A 260 -34.11 7.59 15.53
C VAL A 260 -35.47 8.27 15.56
N ARG A 261 -35.55 9.44 16.22
CA ARG A 261 -36.82 10.13 16.34
C ARG A 261 -37.38 10.55 15.00
N ASN A 262 -36.53 11.08 14.11
CA ASN A 262 -36.99 11.60 12.84
C ASN A 262 -37.17 10.53 11.78
N ASP A 263 -36.79 9.28 12.06
CA ASP A 263 -36.93 8.17 11.11
C ASP A 263 -36.23 8.49 9.79
N VAL A 264 -34.94 8.86 9.90
CA VAL A 264 -34.17 9.21 8.71
C VAL A 264 -33.99 8.00 7.80
N LEU A 265 -33.86 6.82 8.39
CA LEU A 265 -33.68 5.61 7.59
C LEU A 265 -34.89 5.34 6.71
N SER A 266 -36.10 5.57 7.24
CA SER A 266 -37.30 5.38 6.45
C SER A 266 -37.34 6.33 5.25
N SER A 267 -36.98 7.60 5.48
CA SER A 267 -36.95 8.56 4.39
C SER A 267 -35.90 8.19 3.34
N LEU A 268 -34.72 7.73 3.79
CA LEU A 268 -33.69 7.31 2.86
C LEU A 268 -34.15 6.12 2.02
N LEU A 269 -34.81 5.14 2.66
CA LEU A 269 -35.32 4.00 1.92
C LEU A 269 -36.40 4.42 0.94
N THR A 270 -37.27 5.35 1.33
CA THR A 270 -38.31 5.84 0.43
C THR A 270 -37.71 6.53 -0.78
N CYS A 271 -36.70 7.38 -0.56
CA CYS A 271 -36.05 8.08 -1.67
C CYS A 271 -35.15 7.16 -2.49
N LEU A 272 -34.78 5.99 -1.95
CA LEU A 272 -34.01 5.02 -2.70
C LEU A 272 -34.81 4.46 -3.88
N SER A 273 -36.10 4.22 -3.66
CA SER A 273 -36.95 3.66 -4.70
C SER A 273 -37.24 4.63 -5.84
N SER A 274 -36.87 5.90 -5.68
CA SER A 274 -37.13 6.88 -6.73
C SER A 274 -36.28 6.60 -7.96
N ASN A 275 -36.71 7.16 -9.09
CA ASN A 275 -36.07 6.92 -10.37
C ASN A 275 -34.87 7.82 -10.63
N ILE A 276 -34.60 8.78 -9.74
CA ILE A 276 -33.48 9.70 -9.93
C ILE A 276 -32.17 8.95 -9.68
N PRO A 277 -31.24 8.93 -10.64
CA PRO A 277 -29.99 8.19 -10.45
C PRO A 277 -29.11 8.80 -9.37
N ARG A 278 -28.90 10.11 -9.43
CA ARG A 278 -28.03 10.77 -8.44
C ARG A 278 -28.60 10.65 -7.04
N ALA A 279 -29.92 10.77 -6.90
CA ALA A 279 -30.54 10.62 -5.59
C ALA A 279 -30.33 9.22 -5.03
N GLN A 280 -30.39 8.20 -5.89
CA GLN A 280 -30.16 6.83 -5.44
C GLN A 280 -28.74 6.66 -4.90
N SER A 281 -27.75 7.19 -5.63
CA SER A 281 -26.37 7.09 -5.17
C SER A 281 -26.16 7.85 -3.86
N MET A 282 -26.75 9.04 -3.76
CA MET A 282 -26.60 9.82 -2.53
C MET A 282 -27.24 9.10 -1.35
N ALA A 283 -28.42 8.52 -1.55
CA ALA A 283 -29.07 7.77 -0.48
C ALA A 283 -28.26 6.54 -0.08
N LEU A 284 -27.69 5.85 -1.07
CA LEU A 284 -26.87 4.68 -0.77
C LEU A 284 -25.64 5.06 0.05
N ASP A 285 -24.98 6.16 -0.34
CA ASP A 285 -23.82 6.61 0.42
C ASP A 285 -24.22 7.04 1.83
N SER A 286 -25.37 7.71 1.97
CA SER A 286 -25.84 8.12 3.28
C SER A 286 -26.14 6.93 4.17
N ILE A 287 -26.78 5.90 3.61
CA ILE A 287 -27.10 4.70 4.38
C ILE A 287 -25.81 3.98 4.79
N HIS A 288 -24.86 3.89 3.87
CA HIS A 288 -23.59 3.23 4.19
C HIS A 288 -22.83 4.00 5.28
N ILE A 289 -22.91 5.33 5.25
CA ILE A 289 -22.31 6.12 6.33
C ILE A 289 -23.02 5.86 7.64
N LEU A 290 -24.35 5.81 7.61
CA LEU A 290 -25.13 5.61 8.83
C LEU A 290 -24.86 4.24 9.44
N LEU A 291 -24.58 3.23 8.62
CA LEU A 291 -24.38 1.89 9.14
C LEU A 291 -23.08 1.77 9.93
N THR A 292 -22.04 2.46 9.49
CA THR A 292 -20.71 2.32 10.08
C THR A 292 -20.36 3.42 11.07
N ARG A 293 -21.30 4.31 11.38
CA ARG A 293 -21.02 5.37 12.33
C ARG A 293 -20.91 4.78 13.74
N PRO A 294 -20.16 5.43 14.63
CA PRO A 294 -20.06 4.95 16.01
C PRO A 294 -21.42 4.99 16.70
N TYR A 295 -21.65 4.01 17.57
CA TYR A 295 -22.92 3.87 18.28
C TYR A 295 -22.63 3.72 19.78
N SER A 296 -22.87 4.79 20.54
CA SER A 296 -22.80 4.74 21.99
C SER A 296 -24.15 4.41 22.61
N ASN A 297 -25.17 4.14 21.80
CA ASN A 297 -26.53 3.87 22.22
C ASN A 297 -27.01 2.56 21.62
N GLU A 298 -26.23 1.50 21.83
CA GLU A 298 -26.40 0.19 21.20
C GLU A 298 -27.86 -0.26 21.14
N SER A 299 -28.68 0.16 22.10
CA SER A 299 -30.11 -0.10 22.01
C SER A 299 -30.71 0.54 20.76
N HIS A 300 -30.29 1.76 20.44
CA HIS A 300 -30.76 2.41 19.23
C HIS A 300 -30.20 1.74 17.97
N TYR A 301 -29.07 1.06 18.10
CA TYR A 301 -28.47 0.38 16.96
C TYR A 301 -29.31 -0.79 16.46
N GLN A 302 -30.23 -1.30 17.29
CA GLN A 302 -31.01 -2.46 16.91
C GLN A 302 -32.00 -2.14 15.80
N MET A 303 -32.74 -1.04 15.94
CA MET A 303 -33.77 -0.71 14.95
C MET A 303 -33.17 -0.32 13.62
N THR A 304 -32.00 0.34 13.63
CA THR A 304 -31.35 0.71 12.37
C THR A 304 -31.02 -0.51 11.53
N ILE A 305 -30.45 -1.54 12.18
CA ILE A 305 -30.15 -2.77 11.46
C ILE A 305 -31.42 -3.52 11.09
N ASP A 306 -32.39 -3.57 12.02
CA ASP A 306 -33.63 -4.29 11.76
C ASP A 306 -34.40 -3.67 10.60
N ARG A 307 -34.41 -2.34 10.51
CA ARG A 307 -35.14 -1.68 9.44
C ARG A 307 -34.58 -2.05 8.07
N VAL A 308 -33.25 -2.09 7.95
CA VAL A 308 -32.63 -2.41 6.67
C VAL A 308 -32.91 -3.86 6.29
N PHE A 309 -32.75 -4.79 7.24
CA PHE A 309 -32.95 -6.19 6.94
C PHE A 309 -34.41 -6.50 6.63
N ASP A 310 -35.34 -5.82 7.29
CA ASP A 310 -36.76 -6.01 6.99
C ASP A 310 -37.11 -5.55 5.58
N ASN A 311 -36.32 -4.66 5.00
CA ASN A 311 -36.53 -4.17 3.65
C ASN A 311 -35.57 -4.81 2.64
N MET A 312 -35.14 -6.03 2.90
CA MET A 312 -34.19 -6.69 2.01
C MET A 312 -34.79 -6.95 0.63
N ASP A 313 -36.11 -7.16 0.56
CA ASP A 313 -36.76 -7.36 -0.73
C ASP A 313 -36.67 -6.11 -1.59
N LEU A 314 -36.86 -4.93 -0.98
CA LEU A 314 -36.75 -3.68 -1.72
C LEU A 314 -35.34 -3.45 -2.24
N LEU A 315 -34.32 -3.87 -1.46
CA LEU A 315 -32.94 -3.71 -1.89
C LEU A 315 -32.66 -4.51 -3.15
N ASP A 316 -33.23 -5.72 -3.25
CA ASP A 316 -33.04 -6.54 -4.44
C ASP A 316 -33.63 -5.87 -5.68
N SER A 317 -34.80 -5.25 -5.53
CA SER A 317 -35.42 -4.57 -6.66
C SER A 317 -34.57 -3.40 -7.13
N VAL A 318 -33.95 -2.68 -6.18
CA VAL A 318 -33.08 -1.56 -6.54
C VAL A 318 -31.89 -2.05 -7.37
N TYR A 319 -31.27 -3.16 -6.95
CA TYR A 319 -30.14 -3.70 -7.69
C TYR A 319 -30.55 -4.14 -9.09
N GLU A 320 -31.76 -4.71 -9.22
CA GLU A 320 -32.22 -5.14 -10.53
C GLU A 320 -32.36 -3.97 -11.48
N SER A 321 -32.88 -2.84 -10.99
CA SER A 321 -32.98 -1.64 -11.82
C SER A 321 -31.61 -1.11 -12.22
N LEU A 322 -30.66 -1.14 -11.28
CA LEU A 322 -29.32 -0.63 -11.56
C LEU A 322 -28.56 -1.49 -12.55
N LEU A 323 -28.91 -2.76 -12.69
CA LEU A 323 -28.21 -3.65 -13.60
C LEU A 323 -28.44 -3.21 -15.04
N PHE A 324 -27.41 -3.37 -15.87
CA PHE A 324 -27.45 -2.96 -17.26
C PHE A 324 -26.66 -3.95 -18.11
N ASP A 325 -26.97 -3.96 -19.40
CA ASP A 325 -26.28 -4.84 -20.33
C ASP A 325 -24.99 -4.19 -20.82
N PRO A 326 -23.83 -4.78 -20.56
CA PRO A 326 -22.57 -4.20 -21.03
C PRO A 326 -22.12 -4.66 -22.41
N THR A 327 -22.99 -5.33 -23.17
CA THR A 327 -22.59 -5.85 -24.48
C THR A 327 -22.25 -4.71 -25.44
N ASP A 328 -23.07 -3.65 -25.46
CA ASP A 328 -22.80 -2.53 -26.35
C ASP A 328 -21.78 -1.58 -25.74
N ASP A 329 -22.11 -0.99 -24.59
CA ASP A 329 -21.20 -0.10 -23.89
C ASP A 329 -21.67 0.04 -22.45
N ILE A 330 -20.74 0.42 -21.58
CA ILE A 330 -21.08 0.61 -20.17
C ILE A 330 -21.92 1.88 -20.02
N ASP A 331 -22.60 1.96 -18.88
CA ASP A 331 -23.42 3.13 -18.54
C ASP A 331 -22.77 3.81 -17.35
N GLU A 332 -21.96 4.84 -17.63
CA GLU A 332 -21.26 5.55 -16.57
C GLU A 332 -22.19 6.33 -15.66
N THR A 333 -23.43 6.56 -16.09
CA THR A 333 -24.38 7.31 -15.25
C THR A 333 -24.71 6.55 -13.97
N LYS A 334 -24.86 5.23 -14.07
CA LYS A 334 -25.25 4.42 -12.92
C LYS A 334 -24.22 3.37 -12.52
N TYR A 335 -23.08 3.29 -13.21
CA TYR A 335 -22.07 2.32 -12.83
C TYR A 335 -21.50 2.56 -11.43
N PRO A 336 -21.09 3.78 -11.04
CA PRO A 336 -20.64 3.97 -9.66
C PRO A 336 -21.71 3.68 -8.62
N ILE A 337 -22.98 3.87 -8.98
CA ILE A 337 -24.07 3.53 -8.07
C ILE A 337 -24.05 2.04 -7.76
N ILE A 338 -23.75 1.22 -8.76
CA ILE A 338 -23.66 -0.22 -8.55
C ILE A 338 -22.53 -0.54 -7.57
N LYS A 339 -21.38 0.11 -7.74
CA LYS A 339 -20.26 -0.14 -6.82
C LYS A 339 -20.61 0.28 -5.40
N LYS A 340 -21.28 1.42 -5.24
CA LYS A 340 -21.69 1.86 -3.91
C LYS A 340 -22.68 0.88 -3.30
N PHE A 341 -23.62 0.38 -4.10
CA PHE A 341 -24.57 -0.62 -3.61
C PHE A 341 -23.86 -1.88 -3.17
N VAL A 342 -22.88 -2.33 -3.96
CA VAL A 342 -22.15 -3.54 -3.62
C VAL A 342 -21.39 -3.36 -2.31
N ASP A 343 -20.74 -2.20 -2.14
CA ASP A 343 -20.01 -1.94 -0.91
C ASP A 343 -20.95 -1.89 0.30
N MET A 344 -22.10 -1.23 0.14
CA MET A 344 -23.05 -1.14 1.24
C MET A 344 -23.58 -2.52 1.62
N ILE A 345 -23.87 -3.36 0.62
CA ILE A 345 -24.35 -4.71 0.90
C ILE A 345 -23.26 -5.52 1.58
N SER A 346 -22.01 -5.41 1.12
CA SER A 346 -20.91 -6.15 1.72
C SER A 346 -20.67 -5.74 3.16
N CYS A 347 -20.93 -4.48 3.49
CA CYS A 347 -20.74 -4.02 4.86
C CYS A 347 -21.69 -4.71 5.84
N LEU A 348 -22.86 -5.15 5.36
CA LEU A 348 -23.94 -5.61 6.24
C LEU A 348 -23.66 -6.95 6.91
N TYR A 349 -22.62 -7.67 6.50
CA TYR A 349 -22.40 -9.01 7.03
C TYR A 349 -22.04 -9.03 8.51
N VAL A 350 -21.57 -7.90 9.06
CA VAL A 350 -21.16 -7.87 10.46
C VAL A 350 -22.37 -8.03 11.37
N CYS A 351 -23.50 -7.42 11.00
CA CYS A 351 -24.68 -7.38 11.84
C CYS A 351 -25.60 -8.59 11.64
N VAL A 352 -25.15 -9.60 10.90
CA VAL A 352 -25.99 -10.78 10.66
C VAL A 352 -26.38 -11.51 11.94
N PRO A 353 -25.47 -11.80 12.88
CA PRO A 353 -25.86 -12.61 14.04
C PRO A 353 -26.91 -11.95 14.93
N LYS A 354 -27.08 -10.64 14.87
CA LYS A 354 -28.03 -9.93 15.72
C LYS A 354 -29.39 -9.73 15.07
N ILE A 355 -29.80 -10.63 14.18
CA ILE A 355 -31.08 -10.55 13.48
C ILE A 355 -31.92 -11.75 13.87
N LYS A 356 -33.15 -11.50 14.29
CA LYS A 356 -34.10 -12.56 14.57
C LYS A 356 -34.77 -13.01 13.28
N GLU A 357 -34.76 -14.31 13.03
CA GLU A 357 -35.30 -14.87 11.79
C GLU A 357 -36.82 -14.92 11.90
N THR A 358 -37.49 -14.10 11.10
CA THR A 358 -38.96 -14.08 11.04
C THR A 358 -39.50 -14.35 9.65
N ASN A 359 -38.88 -13.78 8.61
CA ASN A 359 -39.30 -13.99 7.23
C ASN A 359 -38.11 -14.34 6.35
N GLY A 360 -37.12 -15.04 6.91
CA GLY A 360 -35.92 -15.36 6.15
C GLY A 360 -35.12 -14.15 5.75
N GLN A 361 -35.01 -13.15 6.63
CA GLN A 361 -34.26 -11.95 6.31
C GLN A 361 -32.78 -12.26 6.08
N ILE A 362 -32.20 -13.12 6.93
CA ILE A 362 -30.81 -13.53 6.73
C ILE A 362 -30.69 -14.34 5.45
N GLN A 363 -31.62 -15.26 5.22
CA GLN A 363 -31.59 -16.08 4.01
C GLN A 363 -31.72 -15.23 2.76
N LYS A 364 -32.63 -14.25 2.78
CA LYS A 364 -32.80 -13.36 1.64
C LYS A 364 -31.54 -12.52 1.41
N TYR A 365 -30.92 -12.04 2.48
CA TYR A 365 -29.75 -11.19 2.34
C TYR A 365 -28.58 -11.94 1.70
N PHE A 366 -28.35 -13.18 2.11
CA PHE A 366 -27.24 -13.95 1.55
C PHE A 366 -27.47 -14.24 0.07
N LYS A 367 -28.72 -14.47 -0.33
CA LYS A 367 -29.02 -14.66 -1.75
C LYS A 367 -28.70 -13.40 -2.54
N LEU A 368 -28.98 -12.23 -1.96
CA LEU A 368 -28.67 -10.98 -2.62
C LEU A 368 -27.16 -10.83 -2.84
N VAL A 369 -26.36 -11.21 -1.84
CA VAL A 369 -24.91 -11.14 -1.99
C VAL A 369 -24.44 -12.08 -3.08
N LEU A 370 -25.02 -13.29 -3.15
CA LEU A 370 -24.66 -14.23 -4.19
C LEU A 370 -25.01 -13.69 -5.57
N LYS A 371 -26.18 -13.07 -5.72
CA LYS A 371 -26.54 -12.47 -6.99
C LYS A 371 -25.61 -11.32 -7.34
N THR A 372 -25.21 -10.53 -6.34
CA THR A 372 -24.28 -9.43 -6.57
C THR A 372 -22.92 -9.94 -7.06
N THR A 373 -22.45 -11.05 -6.46
CA THR A 373 -21.15 -11.58 -6.84
C THR A 373 -21.13 -12.08 -8.28
N TYR A 374 -22.29 -12.33 -8.88
CA TYR A 374 -22.38 -12.75 -10.27
C TYR A 374 -22.25 -11.60 -11.24
N ASN A 375 -21.97 -10.39 -10.77
CA ASN A 375 -21.87 -9.23 -11.65
C ASN A 375 -20.70 -9.42 -12.62
N PRO A 376 -20.89 -9.17 -13.91
CA PRO A 376 -19.78 -9.36 -14.87
C PRO A 376 -18.56 -8.52 -14.56
N SER A 377 -18.74 -7.30 -14.05
CA SER A 377 -17.60 -6.46 -13.73
C SER A 377 -16.77 -7.07 -12.62
N LEU A 378 -15.44 -6.97 -12.75
CA LEU A 378 -14.54 -7.64 -11.81
C LEU A 378 -14.48 -6.92 -10.47
N ILE A 379 -14.57 -5.59 -10.46
CA ILE A 379 -14.40 -4.84 -9.22
C ILE A 379 -15.54 -5.12 -8.26
N VAL A 380 -16.78 -5.04 -8.75
CA VAL A 380 -17.94 -5.27 -7.88
C VAL A 380 -17.99 -6.72 -7.43
N SER A 381 -17.61 -7.65 -8.31
CA SER A 381 -17.56 -9.06 -7.92
C SER A 381 -16.53 -9.29 -6.84
N GLY A 382 -15.36 -8.66 -6.96
CA GLY A 382 -14.32 -8.81 -5.95
C GLY A 382 -14.60 -8.08 -4.66
N LEU A 383 -15.50 -7.09 -4.69
CA LEU A 383 -15.84 -6.38 -3.46
C LEU A 383 -16.52 -7.29 -2.44
N THR A 384 -17.21 -8.33 -2.90
CA THR A 384 -17.90 -9.26 -2.01
C THR A 384 -17.10 -10.52 -1.70
N LEU A 385 -15.94 -10.71 -2.35
CA LEU A 385 -15.13 -11.89 -2.07
C LEU A 385 -14.59 -11.86 -0.65
N ASP A 386 -14.19 -10.69 -0.16
CA ASP A 386 -13.72 -10.58 1.21
C ASP A 386 -14.83 -10.89 2.20
N LEU A 387 -16.08 -10.62 1.84
CA LEU A 387 -17.21 -11.02 2.68
C LEU A 387 -17.26 -12.53 2.84
N TRP A 388 -17.22 -13.27 1.74
CA TRP A 388 -17.28 -14.72 1.81
C TRP A 388 -16.05 -15.29 2.50
N CYS A 389 -14.89 -14.68 2.31
CA CYS A 389 -13.69 -15.16 2.97
C CYS A 389 -13.81 -15.04 4.49
N THR A 390 -14.32 -13.91 4.98
CA THR A 390 -14.48 -13.74 6.41
C THR A 390 -15.66 -14.55 6.94
N CYS A 391 -16.77 -14.57 6.20
CA CYS A 391 -17.97 -15.26 6.67
C CYS A 391 -17.75 -16.76 6.78
N LEU A 392 -17.06 -17.36 5.79
CA LEU A 392 -16.83 -18.80 5.82
C LEU A 392 -15.87 -19.19 6.93
N ARG A 393 -14.88 -18.34 7.21
CA ARG A 393 -13.90 -18.67 8.23
C ARG A 393 -14.54 -18.80 9.60
N ASN A 394 -15.44 -17.88 9.94
CA ASN A 394 -16.13 -17.94 11.22
C ASN A 394 -17.11 -19.12 11.23
N ASP A 395 -17.16 -19.83 12.35
CA ASP A 395 -18.01 -21.00 12.48
C ASP A 395 -19.46 -20.66 12.83
N GLU A 396 -19.73 -19.44 13.27
CA GLU A 396 -21.09 -19.08 13.67
C GLU A 396 -22.03 -19.02 12.47
N TYR A 397 -21.56 -18.48 11.34
CA TYR A 397 -22.41 -18.28 10.17
C TYR A 397 -22.66 -19.56 9.39
N LEU A 398 -21.91 -20.64 9.66
CA LEU A 398 -22.02 -21.85 8.84
C LEU A 398 -23.43 -22.45 8.85
N PRO A 399 -24.11 -22.62 9.98
CA PRO A 399 -25.48 -23.18 9.92
C PRO A 399 -26.47 -22.30 9.17
N LYS A 400 -26.19 -21.00 9.03
CA LYS A 400 -27.14 -20.12 8.35
C LYS A 400 -27.03 -20.23 6.84
N LEU A 401 -25.81 -20.23 6.30
CA LEU A 401 -25.59 -20.29 4.87
C LEU A 401 -25.39 -21.70 4.34
N GLU A 402 -25.58 -22.72 5.18
CA GLU A 402 -25.42 -24.10 4.74
C GLU A 402 -26.48 -24.51 3.73
N LYS A 403 -27.63 -23.83 3.72
CA LYS A 403 -28.74 -24.20 2.83
C LYS A 403 -28.62 -23.42 1.53
N TYR A 404 -28.37 -24.16 0.44
CA TYR A 404 -28.31 -23.66 -0.93
C TYR A 404 -27.63 -22.30 -1.09
N VAL A 405 -26.54 -22.08 -0.34
CA VAL A 405 -25.70 -20.90 -0.54
C VAL A 405 -24.27 -21.37 -0.77
N ILE A 406 -23.93 -22.54 -0.25
CA ILE A 406 -22.59 -23.09 -0.37
C ILE A 406 -22.35 -23.67 -1.76
N PRO A 407 -23.20 -24.59 -2.25
CA PRO A 407 -22.91 -25.17 -3.58
C PRO A 407 -22.89 -24.13 -4.70
N ASP A 408 -23.79 -23.15 -4.65
CA ASP A 408 -23.81 -22.13 -5.70
C ASP A 408 -22.54 -21.29 -5.66
N LEU A 409 -22.10 -20.88 -4.47
CA LEU A 409 -20.88 -20.12 -4.35
C LEU A 409 -19.67 -20.92 -4.83
N LEU A 410 -19.61 -22.20 -4.47
CA LEU A 410 -18.51 -23.05 -4.90
C LEU A 410 -18.49 -23.19 -6.42
N GLN A 411 -19.66 -23.41 -7.02
CA GLN A 411 -19.73 -23.51 -8.48
C GLN A 411 -19.31 -22.21 -9.15
N PHE A 412 -19.76 -21.08 -8.61
CA PHE A 412 -19.38 -19.79 -9.18
C PHE A 412 -17.87 -19.59 -9.10
N ALA A 413 -17.27 -19.89 -7.96
CA ALA A 413 -15.83 -19.69 -7.81
C ALA A 413 -15.05 -20.62 -8.73
N ALA A 414 -15.49 -21.87 -8.87
CA ALA A 414 -14.82 -22.80 -9.77
C ALA A 414 -14.92 -22.32 -11.21
N ASP A 415 -16.08 -21.82 -11.61
CA ASP A 415 -16.24 -21.34 -12.99
C ASP A 415 -15.47 -20.04 -13.22
N ALA A 416 -15.30 -19.23 -12.18
CA ALA A 416 -14.63 -17.95 -12.32
C ALA A 416 -13.13 -18.01 -12.09
N LEU A 417 -12.59 -19.16 -11.65
CA LEU A 417 -11.15 -19.31 -11.51
C LEU A 417 -10.52 -19.51 -12.89
N VAL A 418 -10.48 -18.41 -13.64
CA VAL A 418 -9.93 -18.41 -15.00
C VAL A 418 -9.08 -17.16 -15.17
N TYR A 419 -8.22 -17.18 -16.19
CA TYR A 419 -7.31 -16.08 -16.48
C TYR A 419 -8.04 -15.07 -17.33
N TYR A 420 -8.49 -13.97 -16.70
CA TYR A 420 -9.28 -12.97 -17.41
C TYR A 420 -8.41 -12.11 -18.32
N GLU A 421 -7.12 -11.96 -17.99
CA GLU A 421 -6.27 -11.01 -18.71
C GLU A 421 -6.08 -11.43 -20.16
N GLN A 422 -5.87 -12.72 -20.40
CA GLN A 422 -5.52 -13.18 -21.74
C GLN A 422 -6.73 -13.44 -22.63
N ILE A 423 -7.85 -13.88 -22.06
CA ILE A 423 -9.03 -14.21 -22.87
C ILE A 423 -9.58 -12.94 -23.51
N ASP A 424 -9.81 -13.00 -24.83
CA ASP A 424 -10.21 -11.81 -25.57
C ASP A 424 -11.70 -11.52 -25.43
N GLY A 425 -12.53 -12.55 -25.46
CA GLY A 425 -13.97 -12.38 -25.46
C GLY A 425 -14.61 -12.13 -24.12
N HIS A 426 -13.83 -12.08 -23.05
CA HIS A 426 -14.40 -11.86 -21.72
C HIS A 426 -14.94 -10.44 -21.59
N ILE A 427 -16.06 -10.30 -20.87
CA ILE A 427 -16.68 -8.99 -20.70
C ILE A 427 -15.92 -8.11 -19.70
N SER A 428 -15.05 -8.71 -18.88
CA SER A 428 -14.36 -7.94 -17.86
C SER A 428 -13.41 -6.90 -18.45
N LYS A 429 -12.96 -7.08 -19.69
CA LYS A 429 -12.05 -6.12 -20.31
C LYS A 429 -12.73 -4.77 -20.51
N LYS A 430 -14.01 -4.77 -20.82
CA LYS A 430 -14.74 -3.51 -21.00
C LYS A 430 -14.75 -2.70 -19.71
N PHE A 431 -14.99 -3.35 -18.58
CA PHE A 431 -14.93 -2.66 -17.30
C PHE A 431 -13.49 -2.37 -16.89
N ALA A 432 -12.54 -3.20 -17.32
CA ALA A 432 -11.15 -2.96 -17.00
C ALA A 432 -10.63 -1.68 -17.67
N GLU A 433 -11.06 -1.44 -18.91
CA GLU A 433 -10.58 -0.27 -19.64
C GLU A 433 -11.10 1.04 -19.06
N ILE A 434 -12.16 1.00 -18.25
CA ILE A 434 -12.71 2.20 -17.65
C ILE A 434 -12.36 2.33 -16.16
N ASP A 435 -12.24 1.23 -15.44
CA ASP A 435 -11.89 1.29 -14.02
C ASP A 435 -10.40 1.31 -13.78
N PHE A 436 -9.61 0.67 -14.64
CA PHE A 436 -8.17 0.60 -14.51
C PHE A 436 -7.50 1.38 -15.64
N GLN A 437 -6.58 2.27 -15.28
CA GLN A 437 -5.87 3.08 -16.25
C GLN A 437 -4.54 2.47 -16.68
N SER A 438 -4.21 1.29 -16.17
CA SER A 438 -2.95 0.65 -16.50
C SER A 438 -3.18 -0.85 -16.69
N LYS A 439 -2.50 -1.42 -17.69
CA LYS A 439 -2.59 -2.86 -17.91
C LYS A 439 -1.98 -3.63 -16.75
N SER A 440 -0.87 -3.15 -16.21
CA SER A 440 -0.23 -3.81 -15.07
C SER A 440 -1.13 -3.78 -13.84
N GLU A 441 -1.83 -2.65 -13.62
CA GLU A 441 -2.76 -2.58 -12.50
C GLU A 441 -3.90 -3.58 -12.66
N PHE A 442 -4.43 -3.72 -13.88
CA PHE A 442 -5.47 -4.71 -14.12
C PHE A 442 -4.95 -6.12 -13.90
N GLN A 443 -3.72 -6.40 -14.33
CA GLN A 443 -3.14 -7.72 -14.11
C GLN A 443 -2.99 -8.01 -12.62
N THR A 444 -2.51 -7.02 -11.85
CA THR A 444 -2.36 -7.21 -10.42
C THR A 444 -3.71 -7.43 -9.73
N PHE A 445 -4.73 -6.67 -10.14
CA PHE A 445 -6.05 -6.86 -9.55
C PHE A 445 -6.62 -8.23 -9.90
N CYS A 446 -6.39 -8.68 -11.15
CA CYS A 446 -6.84 -10.02 -11.54
C CYS A 446 -6.13 -11.10 -10.73
N SER A 447 -4.83 -10.93 -10.49
CA SER A 447 -4.10 -11.89 -9.66
C SER A 447 -4.65 -11.93 -8.25
N THR A 448 -4.93 -10.75 -7.67
CA THR A 448 -5.51 -10.71 -6.33
C THR A 448 -6.89 -11.36 -6.29
N TYR A 449 -7.70 -11.11 -7.32
CA TYR A 449 -9.02 -11.72 -7.40
C TYR A 449 -8.92 -13.24 -7.48
N ARG A 450 -7.98 -13.74 -8.29
CA ARG A 450 -7.79 -15.19 -8.39
C ARG A 450 -7.30 -15.77 -7.06
N LYS A 451 -6.44 -15.06 -6.35
CA LYS A 451 -5.99 -15.53 -5.04
C LYS A 451 -7.16 -15.59 -4.06
N ARG A 452 -8.03 -14.58 -4.08
CA ARG A 452 -9.19 -14.60 -3.20
C ARG A 452 -10.15 -15.73 -3.57
N ILE A 453 -10.30 -16.02 -4.87
CA ILE A 453 -11.10 -17.16 -5.28
C ILE A 453 -10.48 -18.46 -4.79
N ARG A 454 -9.15 -18.55 -4.85
CA ARG A 454 -8.43 -19.68 -4.27
C ARG A 454 -8.78 -19.86 -2.80
N ASP A 455 -8.75 -18.75 -2.04
CA ASP A 455 -9.08 -18.82 -0.62
C ASP A 455 -10.52 -19.26 -0.41
N ILE A 456 -11.44 -18.76 -1.23
CA ILE A 456 -12.85 -19.14 -1.12
C ILE A 456 -13.01 -20.64 -1.35
N ILE A 457 -12.36 -21.16 -2.39
CA ILE A 457 -12.47 -22.59 -2.68
C ILE A 457 -11.87 -23.41 -1.55
N ARG A 458 -10.74 -22.97 -1.00
CA ARG A 458 -10.13 -23.69 0.11
C ARG A 458 -11.05 -23.73 1.33
N LEU A 459 -11.67 -22.59 1.65
CA LEU A 459 -12.58 -22.54 2.79
C LEU A 459 -13.81 -23.42 2.55
N ILE A 460 -14.34 -23.41 1.32
CA ILE A 460 -15.49 -24.25 1.01
C ILE A 460 -15.12 -25.72 1.15
N SER A 461 -13.94 -26.10 0.67
CA SER A 461 -13.48 -27.48 0.79
C SER A 461 -13.33 -27.88 2.25
N CYS A 462 -12.79 -26.98 3.07
CA CYS A 462 -12.65 -27.29 4.50
C CYS A 462 -14.00 -27.46 5.18
N VAL A 463 -14.95 -26.55 4.90
CA VAL A 463 -16.22 -26.55 5.62
C VAL A 463 -17.08 -27.74 5.20
N GLU A 464 -17.12 -28.05 3.90
CA GLU A 464 -18.07 -29.01 3.37
C GLU A 464 -17.33 -30.13 2.62
N LEU A 465 -16.36 -30.74 3.29
CA LEU A 465 -15.38 -31.60 2.62
C LEU A 465 -16.05 -32.72 1.83
N ASP A 466 -17.07 -33.37 2.40
CA ASP A 466 -17.72 -34.48 1.70
C ASP A 466 -18.39 -34.02 0.41
N LEU A 467 -19.26 -32.99 0.51
CA LEU A 467 -19.97 -32.50 -0.66
C LEU A 467 -19.00 -31.89 -1.67
N THR A 468 -18.01 -31.14 -1.18
CA THR A 468 -17.03 -30.53 -2.08
C THR A 468 -16.25 -31.59 -2.83
N TYR A 469 -15.83 -32.66 -2.14
CA TYR A 469 -15.09 -33.73 -2.79
C TYR A 469 -15.96 -34.44 -3.82
N ASP A 470 -17.22 -34.71 -3.49
CA ASP A 470 -18.11 -35.38 -4.43
C ASP A 470 -18.30 -34.52 -5.69
N TRP A 471 -18.55 -33.22 -5.50
CA TRP A 471 -18.72 -32.33 -6.64
C TRP A 471 -17.45 -32.23 -7.47
N LEU A 472 -16.29 -32.16 -6.81
CA LEU A 472 -15.03 -32.07 -7.53
C LEU A 472 -14.75 -33.32 -8.33
N ASN A 473 -15.02 -34.49 -7.75
CA ASN A 473 -14.84 -35.74 -8.51
C ASN A 473 -15.78 -35.79 -9.71
N ASN A 474 -17.03 -35.39 -9.51
CA ASN A 474 -17.99 -35.40 -10.62
C ASN A 474 -17.55 -34.45 -11.73
N ARG A 475 -17.06 -33.26 -11.36
CA ARG A 475 -16.64 -32.29 -12.37
C ARG A 475 -15.36 -32.74 -13.09
N LEU A 476 -14.38 -33.22 -12.33
CA LEU A 476 -13.11 -33.63 -12.93
C LEU A 476 -13.29 -34.83 -13.84
N ASN A 477 -14.11 -35.80 -13.43
CA ASN A 477 -14.36 -36.95 -14.29
C ASN A 477 -15.06 -36.53 -15.58
N ASN A 478 -16.01 -35.60 -15.49
CA ASN A 478 -16.74 -35.16 -16.67
C ASN A 478 -15.86 -34.32 -17.60
N TYR A 479 -15.01 -33.48 -17.02
CA TYR A 479 -14.20 -32.57 -17.85
C TYR A 479 -13.23 -33.34 -18.74
N PHE A 480 -12.55 -34.34 -18.18
CA PHE A 480 -11.58 -35.09 -18.96
C PHE A 480 -12.24 -36.05 -19.95
N SER A 481 -13.52 -36.36 -19.75
CA SER A 481 -14.27 -37.15 -20.71
C SER A 481 -14.93 -36.31 -21.78
N SER A 482 -14.88 -34.99 -21.66
CA SER A 482 -15.47 -34.10 -22.64
C SER A 482 -14.66 -34.11 -23.94
N PRO A 483 -15.29 -33.79 -25.08
CA PRO A 483 -14.55 -33.74 -26.34
C PRO A 483 -13.66 -32.51 -26.46
N PHE A 484 -13.53 -31.75 -25.37
CA PHE A 484 -12.66 -30.58 -25.35
C PHE A 484 -11.44 -30.74 -24.44
N GLY A 485 -11.48 -31.65 -23.47
CA GLY A 485 -10.37 -31.83 -22.57
C GLY A 485 -9.46 -32.99 -22.93
N GLN A 486 -9.91 -33.85 -23.84
CA GLN A 486 -9.09 -35.00 -24.23
C GLN A 486 -7.90 -34.58 -25.09
N GLN A 487 -7.91 -33.36 -25.62
CA GLN A 487 -6.76 -32.88 -26.38
C GLN A 487 -5.52 -32.78 -25.49
N VAL A 488 -5.71 -32.32 -24.25
CA VAL A 488 -4.59 -32.22 -23.32
C VAL A 488 -3.97 -33.58 -23.06
N LEU A 489 -4.82 -34.60 -22.86
CA LEU A 489 -4.33 -35.94 -22.55
C LEU A 489 -3.58 -36.57 -23.71
N SER A 490 -3.71 -36.03 -24.92
CA SER A 490 -3.10 -36.61 -26.11
C SER A 490 -2.31 -35.54 -26.88
N SER A 491 -1.49 -34.78 -26.16
CA SER A 491 -0.67 -33.76 -26.79
C SER A 491 0.59 -33.55 -25.96
N THR A 492 1.72 -33.36 -26.64
CA THR A 492 2.98 -33.15 -25.95
C THR A 492 3.14 -31.70 -25.51
N PHE A 493 3.15 -30.78 -26.46
CA PHE A 493 3.20 -29.35 -26.17
C PHE A 493 1.90 -28.68 -26.61
N LEU A 494 1.48 -27.68 -25.84
CA LEU A 494 0.26 -26.95 -26.13
C LEU A 494 0.54 -25.46 -25.99
N ASP A 495 -0.27 -24.67 -26.69
CA ASP A 495 -0.13 -23.22 -26.63
C ASP A 495 -0.47 -22.74 -25.23
N HIS A 496 0.48 -22.08 -24.58
CA HIS A 496 0.32 -21.61 -23.21
C HIS A 496 -0.60 -20.41 -23.09
N LYS A 497 -1.27 -19.98 -24.16
CA LYS A 497 -2.16 -18.83 -24.10
C LYS A 497 -3.51 -19.11 -24.75
N LEU A 498 -3.85 -20.37 -24.98
CA LEU A 498 -5.12 -20.74 -25.57
C LEU A 498 -5.98 -21.48 -24.55
N GLU A 499 -7.24 -21.72 -24.95
CA GLU A 499 -8.21 -22.32 -24.06
C GLU A 499 -7.86 -23.74 -23.61
N PRO A 500 -7.46 -24.67 -24.50
CA PRO A 500 -7.31 -26.07 -24.05
C PRO A 500 -6.35 -26.25 -22.88
N TYR A 501 -5.24 -25.53 -22.86
CA TYR A 501 -4.32 -25.63 -21.73
C TYR A 501 -4.83 -24.88 -20.51
N LEU A 502 -5.50 -23.74 -20.74
CA LEU A 502 -5.97 -22.90 -19.63
C LEU A 502 -7.04 -23.62 -18.81
N GLY A 503 -7.94 -24.34 -19.47
CA GLY A 503 -8.97 -25.06 -18.75
C GLY A 503 -8.40 -26.14 -17.86
N ALA A 504 -7.46 -26.93 -18.38
CA ALA A 504 -6.83 -27.97 -17.58
C ALA A 504 -6.04 -27.36 -16.42
N LEU A 505 -5.36 -26.24 -16.67
CA LEU A 505 -4.65 -25.56 -15.59
C LEU A 505 -5.63 -25.10 -14.51
N SER A 506 -6.80 -24.60 -14.91
CA SER A 506 -7.80 -24.19 -13.94
C SER A 506 -8.32 -25.37 -13.13
N GLN A 507 -8.53 -26.52 -13.79
CA GLN A 507 -8.98 -27.71 -13.07
C GLN A 507 -7.93 -28.17 -12.06
N TYR A 508 -6.65 -28.16 -12.46
CA TYR A 508 -5.59 -28.53 -11.52
C TYR A 508 -5.48 -27.52 -10.38
N MET A 509 -5.72 -26.24 -10.68
CA MET A 509 -5.75 -25.23 -9.62
C MET A 509 -6.86 -25.51 -8.62
N ILE A 510 -8.05 -25.88 -9.12
CA ILE A 510 -9.16 -26.21 -8.25
C ILE A 510 -8.82 -27.42 -7.39
N VAL A 511 -8.18 -28.43 -8.00
CA VAL A 511 -7.76 -29.60 -7.23
C VAL A 511 -6.77 -29.22 -6.15
N GLU A 512 -5.83 -28.32 -6.47
CA GLU A 512 -4.88 -27.86 -5.46
C GLU A 512 -5.58 -27.14 -4.32
N CYS A 513 -6.57 -26.30 -4.65
CA CYS A 513 -7.32 -25.60 -3.60
C CYS A 513 -8.07 -26.59 -2.71
N PHE A 514 -8.68 -27.61 -3.32
CA PHE A 514 -9.39 -28.61 -2.53
C PHE A 514 -8.45 -29.35 -1.60
N ILE A 515 -7.27 -29.74 -2.11
CA ILE A 515 -6.31 -30.45 -1.26
C ILE A 515 -5.84 -29.55 -0.12
N ASN A 516 -5.56 -28.28 -0.43
CA ASN A 516 -5.15 -27.35 0.61
C ASN A 516 -6.25 -27.14 1.64
N GLY A 517 -7.51 -27.19 1.22
CA GLY A 517 -8.61 -27.08 2.16
C GLY A 517 -8.79 -28.31 3.04
N CYS A 518 -8.30 -29.46 2.59
CA CYS A 518 -8.38 -30.66 3.42
C CYS A 518 -7.41 -30.61 4.59
N ILE A 519 -6.26 -29.94 4.41
CA ILE A 519 -5.30 -29.79 5.50
C ILE A 519 -5.92 -29.00 6.64
N ARG A 520 -6.63 -27.91 6.32
CA ARG A 520 -7.26 -27.10 7.35
C ARG A 520 -8.34 -27.87 8.11
N TRP A 521 -8.92 -28.90 7.49
CA TRP A 521 -9.94 -29.70 8.17
C TRP A 521 -9.36 -30.42 9.39
N LYS A 522 -8.05 -30.69 9.39
CA LYS A 522 -7.43 -31.34 10.54
C LYS A 522 -7.53 -30.47 11.78
N ILE A 523 -7.39 -29.16 11.62
CA ILE A 523 -7.43 -28.24 12.76
C ILE A 523 -8.84 -27.76 13.05
N TRP A 524 -9.60 -27.43 12.00
CA TRP A 524 -10.93 -26.84 12.19
C TRP A 524 -11.87 -27.80 12.91
N TYR A 525 -11.85 -29.08 12.53
CA TYR A 525 -12.75 -30.04 13.13
C TYR A 525 -12.38 -30.28 14.60
N PRO A 526 -13.35 -30.46 15.48
CA PRO A 526 -13.04 -30.72 16.89
C PRO A 526 -12.36 -32.07 17.08
N THR A 527 -11.73 -32.21 18.26
CA THR A 527 -10.95 -33.39 18.59
C THR A 527 -11.75 -34.47 19.29
N GLY A 528 -13.05 -34.57 19.01
CA GLY A 528 -13.88 -35.57 19.64
C GLY A 528 -13.57 -36.98 19.13
N ASP A 529 -14.37 -37.93 19.61
CA ASP A 529 -14.16 -39.33 19.25
C ASP A 529 -14.38 -39.57 17.76
N ASP A 530 -15.18 -38.75 17.09
CA ASP A 530 -15.43 -38.89 15.67
C ASP A 530 -14.26 -38.42 14.82
N TYR A 531 -13.25 -37.79 15.41
CA TYR A 531 -12.12 -37.29 14.64
C TYR A 531 -11.37 -38.43 13.95
N ASP A 532 -11.12 -39.52 14.69
CA ASP A 532 -10.38 -40.64 14.12
C ASP A 532 -11.17 -41.33 13.02
N GLU A 533 -12.47 -41.52 13.22
CA GLU A 533 -13.29 -42.20 12.23
C GLU A 533 -13.40 -41.39 10.94
N LYS A 534 -13.64 -40.07 11.06
CA LYS A 534 -13.78 -39.24 9.88
C LYS A 534 -12.47 -39.11 9.12
N LEU A 535 -11.35 -38.97 9.84
CA LEU A 535 -10.07 -38.76 9.17
C LEU A 535 -9.66 -39.98 8.35
N ASP A 536 -9.94 -41.18 8.85
CA ASP A 536 -9.56 -42.38 8.13
C ASP A 536 -10.27 -42.48 6.79
N SER A 537 -11.57 -42.16 6.76
CA SER A 537 -12.32 -42.22 5.51
C SER A 537 -11.82 -41.18 4.51
N ILE A 538 -11.49 -39.98 4.99
CA ILE A 538 -11.05 -38.91 4.10
C ILE A 538 -9.73 -39.26 3.43
N LEU A 539 -8.84 -39.93 4.17
CA LEU A 539 -7.54 -40.31 3.60
C LEU A 539 -7.72 -41.27 2.43
N GLN A 540 -8.68 -42.20 2.53
CA GLN A 540 -8.95 -43.11 1.43
C GLN A 540 -9.43 -42.33 0.20
N LYS A 541 -10.31 -41.35 0.39
CA LYS A 541 -10.78 -40.54 -0.72
C LYS A 541 -9.64 -39.77 -1.36
N LEU A 542 -8.76 -39.19 -0.54
CA LEU A 542 -7.61 -38.46 -1.09
C LEU A 542 -6.69 -39.38 -1.87
N GLU A 543 -6.45 -40.58 -1.35
CA GLU A 543 -5.60 -41.54 -2.08
C GLU A 543 -6.24 -41.93 -3.40
N ILE A 544 -7.55 -42.15 -3.40
CA ILE A 544 -8.24 -42.49 -4.64
C ILE A 544 -8.13 -41.36 -5.66
N LEU A 545 -8.32 -40.12 -5.19
CA LEU A 545 -8.19 -38.97 -6.08
C LEU A 545 -6.79 -38.85 -6.64
N SER A 546 -5.77 -39.04 -5.80
CA SER A 546 -4.40 -38.98 -6.27
C SER A 546 -4.10 -40.06 -7.30
N ASN A 547 -4.57 -41.29 -7.04
CA ASN A 547 -4.36 -42.38 -7.99
C ASN A 547 -5.06 -42.10 -9.32
N GLN A 548 -6.28 -41.55 -9.26
CA GLN A 548 -6.99 -41.20 -10.49
C GLN A 548 -6.25 -40.12 -11.26
N LEU A 549 -5.74 -39.10 -10.56
CA LEU A 549 -5.01 -38.03 -11.23
C LEU A 549 -3.73 -38.54 -11.86
N ILE A 550 -3.01 -39.43 -11.17
CA ILE A 550 -1.76 -39.96 -11.71
C ILE A 550 -2.03 -40.82 -12.93
N ALA A 551 -3.11 -41.61 -12.90
CA ALA A 551 -3.43 -42.52 -13.99
C ALA A 551 -3.78 -41.81 -15.29
N LEU A 552 -4.03 -40.50 -15.25
CA LEU A 552 -4.35 -39.77 -16.47
C LEU A 552 -3.18 -39.75 -17.44
N ASN A 553 -1.96 -39.83 -16.92
CA ASN A 553 -0.74 -39.85 -17.73
C ASN A 553 -0.62 -38.59 -18.59
N LEU A 554 -0.61 -37.44 -17.92
CA LEU A 554 -0.37 -36.19 -18.61
C LEU A 554 1.07 -36.10 -19.10
N ARG A 555 1.27 -35.34 -20.17
CA ARG A 555 2.59 -35.19 -20.77
C ARG A 555 2.98 -33.74 -21.05
N GLU A 556 2.04 -32.81 -21.02
CA GLU A 556 2.38 -31.40 -21.24
C GLU A 556 3.31 -30.92 -20.13
N PRO A 557 4.46 -30.35 -20.46
CA PRO A 557 5.45 -29.97 -19.41
C PRO A 557 4.90 -29.08 -18.31
N LEU A 558 4.30 -27.95 -18.69
CA LEU A 558 3.83 -27.01 -17.67
C LEU A 558 2.69 -27.58 -16.84
N LEU A 559 1.82 -28.39 -17.44
CA LEU A 559 0.76 -29.03 -16.67
C LEU A 559 1.32 -30.13 -15.79
N LEU A 560 2.28 -30.89 -16.30
CA LEU A 560 2.99 -31.86 -15.47
C LEU A 560 3.71 -31.16 -14.31
N LYS A 561 4.20 -29.95 -14.55
CA LYS A 561 4.77 -29.14 -13.48
C LYS A 561 3.75 -28.90 -12.38
N LYS A 562 2.54 -28.51 -12.76
CA LYS A 562 1.49 -28.27 -11.77
C LYS A 562 1.14 -29.56 -11.02
N GLN A 563 1.05 -30.67 -11.74
CA GLN A 563 0.73 -31.94 -11.09
C GLN A 563 1.82 -32.34 -10.10
N ILE A 564 3.08 -32.14 -10.46
CA ILE A 564 4.20 -32.44 -9.56
C ILE A 564 4.13 -31.53 -8.34
N GLN A 565 3.86 -30.24 -8.55
CA GLN A 565 3.72 -29.33 -7.43
C GLN A 565 2.58 -29.73 -6.51
N ASN A 566 1.55 -30.39 -7.06
CA ASN A 566 0.45 -30.88 -6.23
C ASN A 566 0.87 -32.05 -5.35
N PHE A 567 2.00 -32.72 -5.66
CA PHE A 567 2.38 -33.91 -4.91
C PHE A 567 2.80 -33.57 -3.49
N ALA A 568 3.41 -32.41 -3.27
CA ALA A 568 3.80 -32.02 -1.92
C ALA A 568 2.57 -31.85 -1.03
N LEU A 569 1.50 -31.28 -1.57
CA LEU A 569 0.27 -31.11 -0.81
C LEU A 569 -0.33 -32.46 -0.43
N PHE A 570 -0.26 -33.44 -1.32
CA PHE A 570 -0.79 -34.77 -1.03
C PHE A 570 -0.04 -35.43 0.12
N LEU A 571 1.27 -35.24 0.18
CA LEU A 571 2.10 -35.94 1.17
C LEU A 571 1.77 -35.55 2.60
N THR A 572 1.13 -34.39 2.81
CA THR A 572 0.83 -33.96 4.17
C THR A 572 -0.16 -34.90 4.84
N MET A 573 -1.15 -35.40 4.11
CA MET A 573 -2.14 -36.31 4.67
C MET A 573 -1.78 -37.77 4.46
N LEU A 574 -1.48 -38.16 3.21
CA LEU A 574 -1.19 -39.56 2.92
C LEU A 574 0.07 -40.03 3.64
N LYS A 575 1.10 -39.19 3.66
CA LYS A 575 2.37 -39.47 4.36
C LYS A 575 2.98 -40.72 3.71
N ASP A 576 3.31 -41.76 4.47
CA ASP A 576 4.01 -42.92 3.94
C ASP A 576 3.16 -43.74 2.96
N ASN A 577 1.85 -43.50 2.91
CA ASN A 577 0.99 -44.30 2.05
C ASN A 577 1.32 -44.11 0.58
N VAL A 578 1.58 -42.88 0.17
CA VAL A 578 1.77 -42.54 -1.24
C VAL A 578 3.17 -42.02 -1.54
N LEU A 579 4.06 -41.97 -0.55
CA LEU A 579 5.36 -41.35 -0.75
C LEU A 579 6.18 -42.07 -1.81
N PHE A 580 6.17 -43.40 -1.80
CA PHE A 580 6.98 -44.15 -2.75
C PHE A 580 6.55 -43.89 -4.19
N THR A 581 5.24 -43.92 -4.44
CA THR A 581 4.73 -43.69 -5.79
C THR A 581 5.05 -42.28 -6.26
N LEU A 582 4.87 -41.28 -5.39
CA LEU A 582 5.19 -39.90 -5.77
C LEU A 582 6.67 -39.73 -6.05
N LEU A 583 7.53 -40.35 -5.23
CA LEU A 583 8.96 -40.26 -5.46
C LEU A 583 9.35 -40.92 -6.78
N GLU A 584 8.74 -42.07 -7.09
CA GLU A 584 9.01 -42.72 -8.37
C GLU A 584 8.57 -41.85 -9.54
N LYS A 585 7.39 -41.22 -9.41
CA LYS A 585 6.88 -40.40 -10.49
C LYS A 585 7.73 -39.15 -10.72
N ILE A 586 8.16 -38.50 -9.63
CA ILE A 586 8.92 -37.26 -9.76
C ILE A 586 10.30 -37.54 -10.37
N ILE A 587 10.95 -38.62 -9.92
CA ILE A 587 12.31 -38.93 -10.38
C ILE A 587 12.31 -39.18 -11.89
N THR A 588 11.37 -40.00 -12.37
CA THR A 588 11.32 -40.29 -13.79
C THR A 588 10.81 -39.13 -14.62
N SER A 589 10.13 -38.15 -14.00
CA SER A 589 9.64 -37.00 -14.74
C SER A 589 10.80 -36.10 -15.18
N ALA A 590 11.72 -35.81 -14.26
CA ALA A 590 12.88 -34.98 -14.62
C ALA A 590 13.77 -35.69 -15.62
N THR A 591 13.98 -37.00 -15.45
CA THR A 591 14.81 -37.77 -16.37
C THR A 591 14.11 -38.05 -17.69
N MET A 592 12.80 -37.83 -17.78
CA MET A 592 12.07 -38.09 -19.01
C MET A 592 12.62 -37.25 -20.15
N ASP A 593 12.84 -37.89 -21.30
CA ASP A 593 13.42 -37.24 -22.46
C ASP A 593 12.32 -36.80 -23.43
N TYR A 594 12.66 -35.81 -24.25
CA TYR A 594 11.76 -35.29 -25.29
C TYR A 594 12.52 -35.31 -26.61
N PRO A 595 12.61 -36.47 -27.26
CA PRO A 595 13.40 -36.57 -28.49
C PRO A 595 12.90 -35.70 -29.62
N GLU A 596 11.62 -35.30 -29.59
CA GLU A 596 11.07 -34.49 -30.67
C GLU A 596 11.68 -33.09 -30.73
N ILE A 597 12.26 -32.60 -29.64
CA ILE A 597 12.81 -31.26 -29.57
C ILE A 597 14.18 -31.31 -28.91
N ASN A 598 15.11 -30.51 -29.43
CA ASN A 598 16.44 -30.39 -28.84
C ASN A 598 16.42 -29.34 -27.74
N LEU A 599 16.89 -29.72 -26.55
CA LEU A 599 16.84 -28.83 -25.39
C LEU A 599 17.93 -27.77 -25.40
N GLU A 600 18.94 -27.90 -26.26
CA GLU A 600 19.99 -26.88 -26.32
C GLU A 600 19.44 -25.55 -26.80
N GLU A 601 18.51 -25.57 -27.76
CA GLU A 601 17.92 -24.34 -28.26
C GLU A 601 17.07 -23.69 -27.18
N ARG A 602 17.04 -22.35 -27.21
CA ARG A 602 16.32 -21.56 -26.22
C ARG A 602 14.92 -21.17 -26.70
N GLY A 603 14.25 -22.05 -27.44
CA GLY A 603 12.91 -21.76 -27.90
C GLY A 603 11.90 -21.71 -26.76
N ALA A 604 10.76 -21.10 -27.05
CA ALA A 604 9.72 -20.95 -26.03
C ALA A 604 9.20 -22.29 -25.55
N GLU A 605 8.97 -23.22 -26.49
CA GLU A 605 8.47 -24.55 -26.11
C GLU A 605 9.56 -25.36 -25.41
N SER A 606 10.83 -25.08 -25.69
CA SER A 606 11.91 -25.80 -25.04
C SER A 606 12.10 -25.37 -23.59
N ASP A 607 11.76 -24.12 -23.27
CA ASP A 607 11.89 -23.62 -21.90
C ASP A 607 10.95 -24.34 -20.94
N ALA A 608 9.85 -24.90 -21.46
CA ALA A 608 8.91 -25.61 -20.59
C ALA A 608 9.56 -26.83 -19.95
N VAL A 609 10.39 -27.54 -20.71
CA VAL A 609 11.07 -28.72 -20.16
C VAL A 609 12.02 -28.30 -19.04
N ARG A 610 12.76 -27.21 -19.24
CA ARG A 610 13.66 -26.72 -18.19
C ARG A 610 12.89 -26.30 -16.96
N ASP A 611 11.75 -25.62 -17.14
CA ASP A 611 10.93 -25.23 -16.00
C ASP A 611 10.40 -26.45 -15.26
N LEU A 612 9.98 -27.48 -16.00
CA LEU A 612 9.50 -28.70 -15.37
C LEU A 612 10.61 -29.38 -14.58
N ARG A 613 11.82 -29.42 -15.13
CA ARG A 613 12.94 -30.03 -14.42
C ARG A 613 13.27 -29.25 -13.15
N TYR A 614 13.25 -27.91 -13.23
N TYR A 614 13.26 -27.90 -13.23
CA TYR A 614 13.51 -27.11 -12.04
CA TYR A 614 13.49 -27.09 -12.04
C TYR A 614 12.45 -27.34 -10.97
C TYR A 614 12.45 -27.36 -10.98
N ALA A 615 11.17 -27.42 -11.39
CA ALA A 615 10.10 -27.70 -10.45
C ALA A 615 10.23 -29.08 -9.83
N CYS A 616 10.64 -30.07 -10.63
CA CYS A 616 10.84 -31.41 -10.09
C CYS A 616 11.96 -31.41 -9.06
N GLY A 617 13.06 -30.71 -9.34
CA GLY A 617 14.15 -30.65 -8.38
C GLY A 617 13.73 -29.96 -7.08
N ILE A 618 13.05 -28.81 -7.19
CA ILE A 618 12.65 -28.11 -5.98
C ILE A 618 11.59 -28.91 -5.21
N GLU A 619 10.74 -29.65 -5.92
CA GLU A 619 9.75 -30.48 -5.25
C GLU A 619 10.41 -31.65 -4.54
N LEU A 620 11.45 -32.24 -5.13
CA LEU A 620 12.22 -33.28 -4.45
C LEU A 620 12.86 -32.71 -3.18
N ASN A 621 13.43 -31.51 -3.27
CA ASN A 621 14.04 -30.89 -2.10
C ASN A 621 12.99 -30.66 -1.00
N ARG A 622 11.82 -30.15 -1.38
CA ARG A 622 10.76 -29.91 -0.40
C ARG A 622 10.26 -31.21 0.21
N MET A 623 10.13 -32.25 -0.61
CA MET A 623 9.70 -33.55 -0.12
C MET A 623 10.69 -34.13 0.89
N ALA A 624 11.98 -34.00 0.60
CA ALA A 624 12.98 -34.44 1.57
C ALA A 624 12.92 -33.60 2.84
N LEU A 625 12.68 -32.29 2.69
CA LEU A 625 12.62 -31.41 3.85
C LEU A 625 11.42 -31.73 4.73
N LEU A 626 10.31 -32.19 4.15
CA LEU A 626 9.10 -32.47 4.92
C LEU A 626 9.36 -33.51 6.00
N MET A 627 9.93 -34.65 5.58
CA MET A 627 10.14 -35.81 6.50
C MET A 627 11.26 -36.74 6.00
N PRO A 628 12.43 -36.90 6.65
CA PRO A 628 13.50 -37.75 6.10
C PRO A 628 13.48 -39.18 6.60
N GLU A 629 12.64 -39.46 7.60
CA GLU A 629 12.78 -40.72 8.34
C GLU A 629 12.54 -41.93 7.45
N SER A 630 11.48 -41.91 6.65
CA SER A 630 11.21 -43.02 5.76
C SER A 630 12.16 -43.03 4.57
N LEU A 631 12.71 -41.87 4.21
CA LEU A 631 13.71 -41.81 3.14
C LEU A 631 15.01 -42.48 3.54
N LYS A 632 15.29 -42.59 4.84
CA LYS A 632 16.52 -43.24 5.30
C LYS A 632 16.52 -44.72 4.99
N LYS A 633 15.33 -45.34 4.90
CA LYS A 633 15.27 -46.78 4.64
C LYS A 633 15.83 -47.13 3.27
N ILE A 634 15.55 -46.30 2.26
CA ILE A 634 15.96 -46.59 0.89
C ILE A 634 17.07 -45.64 0.48
N TYR A 635 17.85 -45.17 1.45
CA TYR A 635 18.93 -44.22 1.14
C TYR A 635 19.97 -44.77 0.18
N PRO A 636 20.52 -45.99 0.36
CA PRO A 636 21.48 -46.49 -0.62
C PRO A 636 20.89 -46.63 -2.02
N ASP A 637 19.64 -47.08 -2.12
CA ASP A 637 19.01 -47.22 -3.44
C ASP A 637 18.83 -45.86 -4.09
N LEU A 638 18.38 -44.87 -3.33
CA LEU A 638 18.22 -43.52 -3.88
C LEU A 638 19.56 -42.95 -4.31
N GLU A 639 20.60 -43.15 -3.50
CA GLU A 639 21.93 -42.65 -3.85
C GLU A 639 22.43 -43.27 -5.14
N SER A 640 22.28 -44.60 -5.27
CA SER A 640 22.73 -45.27 -6.49
C SER A 640 21.93 -44.80 -7.70
N VAL A 641 20.61 -44.68 -7.56
CA VAL A 641 19.77 -44.27 -8.68
C VAL A 641 20.12 -42.86 -9.13
N ILE A 642 20.30 -41.94 -8.18
CA ILE A 642 20.60 -40.55 -8.53
C ILE A 642 22.00 -40.43 -9.11
N ALA A 643 22.97 -41.16 -8.56
CA ALA A 643 24.31 -41.16 -9.13
C ALA A 643 24.32 -41.75 -10.53
N ARG A 644 23.38 -42.64 -10.83
CA ARG A 644 23.28 -43.17 -12.19
C ARG A 644 22.88 -42.09 -13.19
N ILE A 645 22.21 -41.03 -12.73
CA ILE A 645 21.78 -39.94 -13.60
C ILE A 645 22.67 -38.72 -13.45
N MET A 646 23.84 -38.86 -12.82
CA MET A 646 24.73 -37.72 -12.61
C MET A 646 25.20 -37.07 -13.91
N PRO A 647 25.67 -37.80 -14.93
CA PRO A 647 26.21 -37.12 -16.12
C PRO A 647 25.17 -36.49 -17.02
N ASN A 648 23.87 -36.73 -16.80
CA ASN A 648 22.85 -36.34 -17.76
C ASN A 648 21.94 -35.21 -17.32
N LEU A 649 21.82 -34.94 -16.02
CA LEU A 649 20.85 -33.99 -15.51
C LEU A 649 21.37 -32.56 -15.48
N SER A 650 22.52 -32.29 -16.11
CA SER A 650 23.10 -30.95 -16.20
C SER A 650 23.49 -30.40 -14.82
N TYR A 651 24.00 -29.18 -14.78
CA TYR A 651 24.54 -28.63 -13.54
C TYR A 651 23.45 -28.24 -12.56
N HIS A 652 22.37 -27.63 -13.05
CA HIS A 652 21.32 -27.12 -12.17
C HIS A 652 20.66 -28.24 -11.39
N GLU A 653 20.18 -29.27 -12.10
CA GLU A 653 19.58 -30.40 -11.43
C GLU A 653 20.59 -31.20 -10.63
N LYS A 654 21.86 -31.16 -11.01
CA LYS A 654 22.89 -31.80 -10.20
C LYS A 654 22.98 -31.15 -8.82
N ILE A 655 22.98 -29.82 -8.79
CA ILE A 655 22.99 -29.11 -7.51
C ILE A 655 21.71 -29.39 -6.74
N SER A 656 20.58 -29.40 -7.43
CA SER A 656 19.31 -29.69 -6.75
C SER A 656 19.32 -31.07 -6.13
N PHE A 657 19.82 -32.07 -6.85
CA PHE A 657 19.82 -33.44 -6.34
C PHE A 657 20.84 -33.60 -5.21
N LYS A 658 21.98 -32.92 -5.30
CA LYS A 658 22.94 -32.95 -4.20
C LYS A 658 22.34 -32.33 -2.94
N SER A 659 21.61 -31.23 -3.10
CA SER A 659 20.93 -30.63 -1.94
C SER A 659 19.86 -31.56 -1.39
N PHE A 660 19.14 -32.26 -2.28
CA PHE A 660 18.15 -33.24 -1.84
C PHE A 660 18.81 -34.35 -1.02
N LEU A 661 19.97 -34.84 -1.47
CA LEU A 661 20.70 -35.84 -0.71
C LEU A 661 21.15 -35.29 0.63
N LEU A 662 21.59 -34.02 0.66
CA LEU A 662 22.11 -33.45 1.89
C LEU A 662 21.04 -33.36 2.97
N ILE A 663 19.77 -33.18 2.58
CA ILE A 663 18.69 -33.07 3.56
C ILE A 663 18.57 -34.38 4.35
N ILE A 664 18.60 -35.51 3.65
CA ILE A 664 18.48 -36.80 4.32
C ILE A 664 19.67 -37.05 5.24
N VAL A 665 20.85 -36.59 4.83
CA VAL A 665 22.06 -36.82 5.64
C VAL A 665 21.94 -36.12 6.98
N LEU A 666 21.41 -34.90 6.99
CA LEU A 666 21.39 -34.10 8.22
C LEU A 666 20.11 -34.30 9.02
N LYS A 667 18.95 -34.16 8.39
CA LYS A 667 17.69 -34.17 9.13
C LYS A 667 17.34 -35.56 9.66
N SER A 668 17.74 -36.61 8.96
CA SER A 668 17.42 -37.97 9.40
C SER A 668 18.39 -38.39 10.50
N SER A 669 18.37 -39.67 10.85
CA SER A 669 19.16 -40.21 11.96
C SER A 669 20.01 -41.37 11.50
N LEU A 670 20.71 -41.21 10.37
CA LEU A 670 21.64 -42.21 9.91
C LEU A 670 23.03 -41.94 10.50
N ASP A 671 23.98 -42.79 10.15
CA ASP A 671 25.31 -42.76 10.74
C ASP A 671 26.30 -42.05 9.80
N MET A 672 27.45 -41.69 10.35
CA MET A 672 28.50 -40.95 9.66
C MET A 672 27.95 -39.67 9.02
N LYS A 673 27.36 -38.82 9.87
CA LYS A 673 26.85 -37.54 9.40
C LYS A 673 27.97 -36.65 8.87
N GLU A 674 29.10 -36.61 9.56
CA GLU A 674 30.20 -35.74 9.16
C GLU A 674 30.78 -36.15 7.82
N GLU A 675 31.07 -37.45 7.65
CA GLU A 675 31.70 -37.92 6.43
C GLU A 675 30.81 -37.71 5.22
N ARG A 676 29.52 -38.04 5.35
CA ARG A 676 28.59 -37.86 4.24
C ARG A 676 28.41 -36.38 3.90
N PHE A 677 28.35 -35.53 4.93
CA PHE A 677 28.26 -34.09 4.70
C PHE A 677 29.47 -33.57 3.95
N ALA A 678 30.67 -34.03 4.34
CA ALA A 678 31.89 -33.56 3.70
C ALA A 678 32.04 -34.12 2.28
N ALA A 679 31.43 -35.28 2.02
CA ALA A 679 31.57 -35.89 0.70
C ALA A 679 30.83 -35.12 -0.38
N ILE A 680 29.81 -34.36 0.00
CA ILE A 680 28.95 -33.66 -0.97
C ILE A 680 29.28 -32.18 -1.02
N VAL A 681 29.39 -31.53 0.13
CA VAL A 681 29.56 -30.08 0.16
C VAL A 681 30.93 -29.68 -0.36
N ASP A 682 31.97 -30.42 0.02
CA ASP A 682 33.34 -30.03 -0.33
C ASP A 682 33.57 -29.93 -1.84
N PRO A 683 33.17 -30.90 -2.67
CA PRO A 683 33.41 -30.72 -4.12
C PRO A 683 32.74 -29.49 -4.70
N GLU A 684 31.56 -29.12 -4.22
CA GLU A 684 30.88 -27.94 -4.74
C GLU A 684 31.50 -26.64 -4.22
N LEU A 685 31.99 -26.65 -2.99
CA LEU A 685 32.58 -25.45 -2.38
C LEU A 685 34.07 -25.31 -2.66
N LEU A 686 34.66 -26.23 -3.43
CA LEU A 686 36.10 -26.17 -3.70
C LEU A 686 36.45 -24.97 -4.58
N ALA A 687 35.58 -24.61 -5.52
CA ALA A 687 35.88 -23.52 -6.45
C ALA A 687 36.02 -22.18 -5.73
N TRP A 688 35.47 -22.05 -4.52
CA TRP A 688 35.59 -20.80 -3.79
C TRP A 688 37.03 -20.56 -3.32
N SER A 689 37.81 -21.62 -3.14
CA SER A 689 39.17 -21.52 -2.62
C SER A 689 40.23 -21.70 -3.71
N ASP A 690 39.85 -21.53 -4.98
CA ASP A 690 40.82 -21.65 -6.06
C ASP A 690 41.85 -20.54 -5.97
N LYS A 691 43.13 -20.91 -6.15
CA LYS A 691 44.21 -19.94 -6.03
C LYS A 691 44.09 -18.85 -7.09
N THR A 692 43.77 -19.22 -8.33
CA THR A 692 43.61 -18.23 -9.39
C THR A 692 42.45 -17.29 -9.09
N THR A 693 41.33 -17.84 -8.61
CA THR A 693 40.18 -17.01 -8.27
C THR A 693 40.49 -16.08 -7.11
N VAL A 694 41.21 -16.57 -6.09
CA VAL A 694 41.49 -15.76 -4.91
C VAL A 694 42.38 -14.58 -5.28
N VAL A 695 43.44 -14.83 -6.06
CA VAL A 695 44.36 -13.76 -6.43
C VAL A 695 43.66 -12.76 -7.35
N GLY A 696 42.92 -13.27 -8.35
CA GLY A 696 42.28 -12.41 -9.31
C GLY A 696 41.04 -11.68 -8.83
N LEU A 697 40.47 -12.10 -7.69
CA LEU A 697 39.26 -11.46 -7.20
C LEU A 697 39.51 -10.01 -6.80
N SER A 698 40.75 -9.67 -6.43
CA SER A 698 41.09 -8.30 -6.08
C SER A 698 41.36 -7.42 -7.28
N ASP A 699 41.48 -7.99 -8.48
CA ASP A 699 41.75 -7.24 -9.69
C ASP A 699 40.49 -7.20 -10.54
N LEU A 700 40.10 -5.99 -10.95
CA LEU A 700 38.88 -5.83 -11.75
C LEU A 700 39.08 -6.30 -13.19
N HIS A 701 40.30 -6.18 -13.71
CA HIS A 701 40.56 -6.64 -15.08
C HIS A 701 40.39 -8.15 -15.19
N TRP A 702 40.83 -8.90 -14.19
CA TRP A 702 40.61 -10.34 -14.19
C TRP A 702 39.11 -10.65 -14.13
N PHE A 703 38.36 -9.88 -13.36
CA PHE A 703 36.91 -10.06 -13.31
C PHE A 703 36.28 -9.83 -14.68
N MET A 704 36.71 -8.78 -15.37
CA MET A 704 36.20 -8.52 -16.72
C MET A 704 36.56 -9.66 -17.67
N GLU A 705 37.80 -10.14 -17.60
CA GLU A 705 38.22 -11.22 -18.48
C GLU A 705 37.42 -12.49 -18.23
N ARG A 706 37.17 -12.82 -16.96
CA ARG A 706 36.37 -13.99 -16.65
C ARG A 706 34.92 -13.81 -17.07
N LEU A 707 34.40 -12.59 -16.96
CA LEU A 707 33.06 -12.32 -17.46
C LEU A 707 33.00 -12.45 -18.98
N GLY A 708 34.12 -12.22 -19.66
CA GLY A 708 34.19 -12.41 -21.09
C GLY A 708 34.00 -11.17 -21.93
N ILE A 709 34.00 -9.99 -21.34
CA ILE A 709 33.83 -8.76 -22.10
C ILE A 709 34.99 -8.58 -23.07
N VAL A 710 36.22 -8.84 -22.62
CA VAL A 710 37.38 -8.72 -23.50
C VAL A 710 37.31 -9.76 -24.61
N GLN A 711 36.77 -10.96 -24.30
CA GLN A 711 36.56 -11.96 -25.35
C GLN A 711 35.50 -11.53 -26.34
N ILE A 712 34.50 -10.77 -25.88
CA ILE A 712 33.49 -10.24 -26.78
C ILE A 712 34.11 -9.24 -27.74
N ALA A 713 35.13 -8.51 -27.30
CA ALA A 713 35.80 -7.55 -28.17
C ALA A 713 36.42 -8.24 -29.39
N GLU A 714 36.97 -9.44 -29.19
CA GLU A 714 37.52 -10.19 -30.32
C GLU A 714 36.43 -10.55 -31.32
N TYR A 715 35.27 -10.96 -30.83
CA TYR A 715 34.15 -11.28 -31.72
C TYR A 715 33.69 -10.04 -32.48
N PHE A 716 33.63 -8.89 -31.79
CA PHE A 716 33.24 -7.65 -32.46
C PHE A 716 34.24 -7.25 -33.52
N GLN A 717 35.53 -7.40 -33.23
CA GLN A 717 36.56 -7.09 -34.21
C GLN A 717 36.47 -8.01 -35.42
N ARG A 718 36.22 -9.30 -35.19
CA ARG A 718 36.04 -10.23 -36.30
C ARG A 718 34.82 -9.87 -37.13
N ARG A 719 33.74 -9.46 -36.48
CA ARG A 719 32.53 -9.05 -37.18
C ARG A 719 32.60 -7.62 -37.69
N ASP A 720 33.66 -6.88 -37.38
CA ASP A 720 33.84 -5.50 -37.81
C ASP A 720 32.69 -4.61 -37.33
N ILE A 721 32.57 -4.50 -36.01
CA ILE A 721 31.55 -3.70 -35.36
C ILE A 721 32.19 -2.44 -34.82
N ASP A 722 31.59 -1.29 -35.13
CA ASP A 722 32.11 0.00 -34.68
C ASP A 722 31.43 0.43 -33.39
N GLU A 723 32.19 1.13 -32.56
CA GLU A 723 31.65 1.57 -31.27
C GLU A 723 30.51 2.57 -31.44
N ASN A 724 30.63 3.48 -32.41
CA ASN A 724 29.57 4.44 -32.66
C ASN A 724 28.37 3.83 -33.38
N SER A 725 28.54 2.67 -34.01
CA SER A 725 27.43 2.02 -34.68
C SER A 725 26.41 1.54 -33.67
N ASP A 726 25.13 1.65 -34.05
CA ASP A 726 24.05 1.23 -33.16
C ASP A 726 24.04 -0.29 -33.02
N LEU A 727 23.95 -0.77 -31.78
CA LEU A 727 23.91 -2.20 -31.50
C LEU A 727 22.50 -2.77 -31.54
N LEU A 728 21.47 -1.93 -31.64
CA LEU A 728 20.10 -2.40 -31.65
C LEU A 728 19.69 -3.00 -32.99
N SER A 729 20.41 -2.68 -34.07
CA SER A 729 20.03 -3.14 -35.40
C SER A 729 21.14 -3.96 -36.05
N ILE A 730 21.72 -4.89 -35.29
CA ILE A 730 22.77 -5.77 -35.79
C ILE A 730 22.34 -7.21 -35.56
N PRO A 731 22.29 -8.04 -36.60
CA PRO A 731 21.90 -9.44 -36.41
C PRO A 731 22.95 -10.23 -35.65
N ILE A 732 22.50 -11.29 -34.98
CA ILE A 732 23.35 -12.14 -34.17
C ILE A 732 23.81 -13.32 -35.01
N ASP A 733 25.11 -13.52 -35.10
CA ASP A 733 25.67 -14.67 -35.79
C ASP A 733 25.57 -15.91 -34.91
N ASP A 734 25.60 -17.09 -35.55
CA ASP A 734 25.53 -18.34 -34.81
C ASP A 734 26.72 -18.50 -33.87
N GLU A 735 27.86 -17.87 -34.19
CA GLU A 735 29.01 -17.92 -33.30
C GLU A 735 28.71 -17.22 -31.98
N GLY A 736 27.93 -16.13 -32.03
CA GLY A 736 27.58 -15.42 -30.82
C GLY A 736 26.79 -16.28 -29.85
N LYS A 737 25.87 -17.10 -30.38
CA LYS A 737 25.12 -18.00 -29.51
C LYS A 737 26.03 -18.98 -28.79
N GLU A 738 26.98 -19.57 -29.52
CA GLU A 738 27.91 -20.51 -28.90
C GLU A 738 28.79 -19.81 -27.86
N LEU A 739 29.25 -18.59 -28.17
CA LEU A 739 30.06 -17.85 -27.21
C LEU A 739 29.27 -17.54 -25.94
N LYS A 740 28.02 -17.12 -26.10
CA LYS A 740 27.19 -16.85 -24.94
C LYS A 740 26.94 -18.10 -24.11
N SER A 741 26.67 -19.23 -24.78
CA SER A 741 26.45 -20.48 -24.06
C SER A 741 27.70 -20.91 -23.30
N GLU A 742 28.87 -20.76 -23.91
CA GLU A 742 30.11 -21.09 -23.22
C GLU A 742 30.34 -20.17 -22.03
N LEU A 743 30.09 -18.87 -22.20
CA LEU A 743 30.35 -17.91 -21.12
C LEU A 743 29.41 -18.13 -19.94
N THR A 744 28.13 -18.33 -20.21
CA THR A 744 27.18 -18.52 -19.10
C THR A 744 27.39 -19.85 -18.39
N LYS A 745 27.94 -20.86 -19.09
CA LYS A 745 28.23 -22.13 -18.45
C LYS A 745 29.46 -22.04 -17.57
N ARG A 746 30.50 -21.36 -18.04
CA ARG A 746 31.73 -21.24 -17.27
C ARG A 746 31.56 -20.31 -16.07
N TRP A 747 30.75 -19.26 -16.22
CA TRP A 747 30.58 -18.29 -15.14
C TRP A 747 29.96 -18.94 -13.90
N GLN A 748 28.93 -19.76 -14.10
CA GLN A 748 28.26 -20.40 -12.97
C GLN A 748 29.20 -21.35 -12.23
N SER A 749 29.99 -22.13 -12.97
CA SER A 749 30.91 -23.07 -12.33
C SER A 749 32.04 -22.35 -11.62
N LEU A 750 32.49 -21.20 -12.14
CA LEU A 750 33.58 -20.46 -11.53
C LEU A 750 33.21 -19.98 -10.13
N PHE A 751 31.99 -19.48 -9.97
CA PHE A 751 31.48 -18.99 -8.68
C PHE A 751 30.27 -19.83 -8.30
N PRO A 752 30.46 -20.88 -7.49
CA PRO A 752 29.32 -21.72 -7.08
C PRO A 752 28.44 -21.02 -6.06
N VAL A 753 27.92 -19.84 -6.42
CA VAL A 753 27.13 -19.06 -5.47
C VAL A 753 25.77 -19.73 -5.22
N ARG A 754 25.17 -20.30 -6.26
CA ARG A 754 23.86 -20.92 -6.10
C ARG A 754 23.93 -22.13 -5.18
N ALA A 755 24.97 -22.96 -5.32
CA ALA A 755 25.07 -24.16 -4.50
C ALA A 755 25.19 -23.83 -3.02
N THR A 756 26.01 -22.82 -2.68
CA THR A 756 26.20 -22.46 -1.28
C THR A 756 24.91 -21.99 -0.63
N ARG A 757 24.15 -21.14 -1.34
CA ARG A 757 22.91 -20.62 -0.79
C ARG A 757 21.92 -21.75 -0.50
N MET A 758 21.70 -22.63 -1.49
CA MET A 758 20.76 -23.73 -1.28
C MET A 758 21.23 -24.66 -0.17
N PHE A 759 22.53 -24.98 -0.15
CA PHE A 759 23.05 -25.88 0.87
C PHE A 759 22.82 -25.31 2.26
N ILE A 760 23.24 -24.06 2.48
CA ILE A 760 23.10 -23.46 3.81
C ILE A 760 21.63 -23.32 4.19
N HIS A 761 20.80 -22.84 3.25
CA HIS A 761 19.39 -22.59 3.56
C HIS A 761 18.66 -23.87 3.92
N TYR A 762 18.91 -24.95 3.17
CA TYR A 762 18.23 -26.20 3.45
C TYR A 762 18.82 -26.92 4.66
N SER A 763 20.11 -26.73 4.93
CA SER A 763 20.69 -27.33 6.14
C SER A 763 20.18 -26.64 7.39
N MET A 764 19.94 -25.33 7.32
CA MET A 764 19.46 -24.56 8.46
C MET A 764 17.97 -24.23 8.36
N GLN A 765 17.20 -25.07 7.65
CA GLN A 765 15.78 -24.78 7.46
C GLN A 765 14.95 -25.22 8.66
N SER A 766 14.93 -26.52 8.94
CA SER A 766 14.21 -27.07 10.07
C SER A 766 15.23 -27.62 11.05
N ILE A 767 15.41 -26.91 12.16
CA ILE A 767 16.43 -27.26 13.16
C ILE A 767 15.70 -27.58 14.46
N LYS A 768 15.42 -28.86 14.66
CA LYS A 768 14.74 -29.30 15.87
C LYS A 768 15.71 -29.35 17.05
N THR A 769 15.16 -29.26 18.26
CA THR A 769 15.92 -29.25 19.50
C THR A 769 16.99 -28.17 19.50
N ASP A 770 18.00 -28.33 20.34
CA ASP A 770 19.11 -27.38 20.43
C ASP A 770 20.47 -28.00 20.19
N GLU A 771 20.66 -29.27 20.54
CA GLU A 771 21.95 -29.92 20.29
C GLU A 771 22.24 -30.04 18.81
N GLU A 772 21.20 -30.21 17.99
CA GLU A 772 21.40 -30.28 16.54
C GLU A 772 21.95 -28.98 16.00
N PHE A 773 21.52 -27.84 16.55
CA PHE A 773 22.03 -26.55 16.11
C PHE A 773 23.52 -26.42 16.39
N LYS A 774 23.96 -26.86 17.57
CA LYS A 774 25.38 -26.78 17.91
C LYS A 774 26.22 -27.64 16.98
N MET A 775 25.74 -28.84 16.66
CA MET A 775 26.47 -29.71 15.75
C MET A 775 26.57 -29.10 14.36
N LEU A 776 25.48 -28.50 13.87
CA LEU A 776 25.48 -27.93 12.53
C LEU A 776 26.41 -26.72 12.44
N GLN A 777 26.50 -25.93 13.52
CA GLN A 777 27.45 -24.81 13.52
C GLN A 777 28.88 -25.30 13.40
N ASP A 778 29.23 -26.37 14.11
CA ASP A 778 30.58 -26.91 14.02
C ASP A 778 30.87 -27.47 12.63
N LEU A 779 29.84 -27.90 11.90
CA LEU A 779 30.05 -28.42 10.56
C LEU A 779 30.38 -27.32 9.58
N TRP A 780 29.66 -26.20 9.64
CA TRP A 780 29.82 -25.11 8.69
C TRP A 780 30.91 -24.13 9.05
N ARG A 781 31.43 -24.18 10.28
CA ARG A 781 32.46 -23.23 10.69
C ARG A 781 33.75 -23.36 9.90
N PRO A 782 34.34 -24.55 9.70
CA PRO A 782 35.58 -24.61 8.91
C PRO A 782 35.40 -24.24 7.45
N ARG A 783 34.18 -24.26 6.92
CA ARG A 783 33.95 -23.97 5.52
C ARG A 783 33.64 -22.50 5.26
N ILE A 784 32.67 -21.95 6.01
CA ILE A 784 32.17 -20.61 5.70
C ILE A 784 33.21 -19.54 6.05
N VAL A 785 33.93 -19.72 7.16
CA VAL A 785 34.85 -18.67 7.62
C VAL A 785 35.92 -18.32 6.59
N PRO A 786 36.63 -19.28 5.98
CA PRO A 786 37.62 -18.90 4.97
C PRO A 786 37.02 -18.48 3.63
N ILE A 787 35.71 -18.60 3.45
CA ILE A 787 35.07 -18.25 2.19
C ILE A 787 34.36 -16.91 2.25
N LEU A 788 33.94 -16.46 3.43
CA LEU A 788 33.28 -15.16 3.56
C LEU A 788 34.10 -14.00 3.00
N PRO A 789 35.42 -13.89 3.23
CA PRO A 789 36.18 -12.82 2.58
C PRO A 789 36.09 -12.87 1.06
N TYR A 790 36.11 -14.07 0.48
CA TYR A 790 36.03 -14.17 -0.98
C TYR A 790 34.64 -13.80 -1.49
N ILE A 791 33.60 -14.17 -0.74
CA ILE A 791 32.24 -13.77 -1.11
C ILE A 791 32.10 -12.25 -1.07
N THR A 792 32.64 -11.62 -0.03
CA THR A 792 32.58 -10.17 0.06
C THR A 792 33.39 -9.52 -1.05
N ARG A 793 34.53 -10.09 -1.40
CA ARG A 793 35.32 -9.56 -2.50
C ARG A 793 34.57 -9.66 -3.82
N LEU A 794 33.89 -10.78 -4.05
CA LEU A 794 33.09 -10.93 -5.27
C LEU A 794 31.95 -9.91 -5.30
N LEU A 795 31.29 -9.70 -4.17
CA LEU A 795 30.23 -8.70 -4.12
C LEU A 795 30.77 -7.30 -4.39
N TYR A 796 31.93 -6.98 -3.81
CA TYR A 796 32.54 -5.67 -4.05
C TYR A 796 32.91 -5.48 -5.52
N GLN A 797 33.47 -6.52 -6.14
CA GLN A 797 33.81 -6.44 -7.55
C GLN A 797 32.56 -6.25 -8.41
N LEU A 798 31.49 -6.98 -8.09
CA LEU A 798 30.25 -6.83 -8.83
C LEU A 798 29.68 -5.43 -8.68
N GLN A 799 29.75 -4.87 -7.47
CA GLN A 799 29.27 -3.51 -7.27
C GLN A 799 30.12 -2.51 -8.04
N SER A 800 31.44 -2.72 -8.06
CA SER A 800 32.33 -1.84 -8.82
C SER A 800 32.19 -2.02 -10.32
N TYR A 801 31.56 -3.10 -10.77
CA TYR A 801 31.33 -3.29 -12.20
C TYR A 801 30.43 -2.20 -12.76
N HIS A 802 29.41 -1.79 -12.00
CA HIS A 802 28.45 -0.80 -12.49
C HIS A 802 29.05 0.59 -12.65
N ASP A 803 30.21 0.83 -12.06
CA ASP A 803 30.80 2.18 -12.10
C ASP A 803 31.30 2.50 -13.49
N PRO A 804 30.84 3.60 -14.12
CA PRO A 804 31.32 3.94 -15.45
C PRO A 804 32.82 4.19 -15.52
N ASP A 805 33.42 4.73 -14.46
CA ASP A 805 34.84 5.07 -14.51
C ASP A 805 35.73 3.83 -14.52
N ASN A 806 35.25 2.71 -13.96
CA ASN A 806 36.09 1.53 -13.86
C ASN A 806 36.44 0.96 -15.24
N TRP A 807 35.48 0.91 -16.15
CA TRP A 807 35.70 0.30 -17.45
C TRP A 807 36.30 1.26 -18.47
N LYS A 808 36.92 2.36 -18.02
CA LYS A 808 37.55 3.28 -18.94
C LYS A 808 38.73 2.63 -19.64
N GLY A 809 39.46 1.76 -18.95
CA GLY A 809 40.58 1.06 -19.55
C GLY A 809 40.18 -0.07 -20.49
N LEU A 810 38.89 -0.41 -20.53
CA LEU A 810 38.43 -1.44 -21.45
C LEU A 810 38.51 -0.94 -22.89
N PRO A 811 38.57 -1.85 -23.86
CA PRO A 811 38.60 -1.43 -25.27
C PRO A 811 37.38 -0.58 -25.62
N THR A 812 37.61 0.43 -26.46
CA THR A 812 36.56 1.38 -26.80
C THR A 812 35.41 0.75 -27.57
N VAL A 813 35.65 -0.37 -28.24
CA VAL A 813 34.60 -1.00 -29.05
C VAL A 813 33.46 -1.49 -28.16
N VAL A 814 33.79 -2.11 -27.03
CA VAL A 814 32.79 -2.76 -26.19
C VAL A 814 32.30 -1.80 -25.10
N GLN A 815 32.71 -0.54 -25.16
CA GLN A 815 32.26 0.43 -24.18
C GLN A 815 30.74 0.62 -24.25
N SER A 816 30.22 0.78 -25.47
CA SER A 816 28.77 0.91 -25.62
C SER A 816 28.05 -0.36 -25.21
N PHE A 817 28.64 -1.52 -25.51
CA PHE A 817 28.04 -2.79 -25.10
C PHE A 817 27.93 -2.88 -23.58
N VAL A 818 29.01 -2.51 -22.89
CA VAL A 818 29.00 -2.54 -21.43
C VAL A 818 28.01 -1.53 -20.87
N LYS A 819 27.95 -0.34 -21.47
CA LYS A 819 26.99 0.67 -21.02
C LYS A 819 25.56 0.16 -21.18
N TYR A 820 25.25 -0.48 -22.30
CA TYR A 820 23.94 -1.07 -22.49
C TYR A 820 23.69 -2.25 -21.55
N SER A 821 24.76 -2.88 -21.06
CA SER A 821 24.58 -4.00 -20.13
C SER A 821 24.18 -3.52 -18.74
N THR A 822 24.62 -2.34 -18.34
CA THR A 822 24.42 -1.89 -16.96
C THR A 822 22.99 -1.43 -16.69
N ILE A 823 22.30 -0.89 -17.69
CA ILE A 823 20.95 -0.36 -17.47
C ILE A 823 20.01 -1.51 -17.10
N GLU A 824 19.18 -1.28 -16.08
CA GLU A 824 18.30 -2.31 -15.56
C GLU A 824 17.02 -2.42 -16.39
N ARG A 825 17.16 -2.53 -17.72
CA ARG A 825 16.07 -2.65 -18.67
C ARG A 825 14.90 -1.75 -18.28
N PHE A 826 13.73 -2.35 -18.01
CA PHE A 826 12.54 -1.63 -17.54
C PHE A 826 11.92 -2.50 -16.45
N TRP A 827 12.34 -2.26 -15.21
CA TRP A 827 11.89 -3.03 -14.06
C TRP A 827 10.99 -2.17 -13.17
N GLU A 828 9.84 -2.70 -12.82
CA GLU A 828 8.88 -2.00 -11.98
C GLU A 828 9.01 -2.45 -10.52
N SER A 835 6.69 -13.07 -10.27
CA SER A 835 5.49 -13.79 -10.66
C SER A 835 5.18 -14.90 -9.67
N LYS A 836 4.01 -14.82 -9.04
CA LYS A 836 3.58 -15.83 -8.08
C LYS A 836 2.38 -16.65 -8.54
N ASP A 837 1.56 -16.11 -9.44
CA ASP A 837 0.44 -16.85 -9.99
C ASP A 837 0.90 -17.66 -11.19
N GLU A 838 0.35 -18.86 -11.33
CA GLU A 838 0.81 -19.81 -12.35
C GLU A 838 0.38 -19.44 -13.76
N PHE A 839 -0.55 -18.49 -13.92
CA PHE A 839 -1.06 -18.21 -15.26
C PHE A 839 -0.07 -17.42 -16.11
N ILE A 840 0.70 -16.50 -15.50
CA ILE A 840 1.60 -15.65 -16.26
C ILE A 840 2.80 -16.48 -16.73
N ASP A 841 3.09 -16.40 -18.03
CA ASP A 841 4.24 -17.06 -18.63
C ASP A 841 5.04 -16.03 -19.42
N GLU A 842 6.35 -15.99 -19.18
CA GLU A 842 7.22 -14.99 -19.80
C GLU A 842 8.34 -15.59 -20.64
N HIS A 843 8.98 -16.66 -20.15
CA HIS A 843 10.06 -17.38 -20.82
C HIS A 843 11.20 -16.49 -21.29
N MET A 844 11.23 -15.25 -20.78
CA MET A 844 12.35 -14.32 -20.95
C MET A 844 12.77 -14.21 -22.42
N LYS A 845 11.78 -14.01 -23.28
CA LYS A 845 11.92 -13.70 -24.71
C LYS A 845 12.91 -14.66 -25.38
N ALA A 846 13.54 -14.23 -26.48
CA ALA A 846 14.55 -15.03 -27.15
C ALA A 846 15.78 -14.18 -27.49
N MET A 847 16.70 -14.73 -28.28
CA MET A 847 17.96 -14.09 -28.62
C MET A 847 17.88 -13.59 -30.06
N GLN A 848 17.79 -12.27 -30.23
CA GLN A 848 17.63 -11.68 -31.55
C GLN A 848 18.81 -10.80 -31.97
N THR A 849 19.15 -9.77 -31.19
CA THR A 849 20.08 -8.74 -31.63
C THR A 849 21.22 -8.59 -30.62
N LEU A 850 22.25 -7.85 -31.07
CA LEU A 850 23.42 -7.63 -30.22
C LEU A 850 23.08 -6.83 -28.98
N ARG A 851 22.03 -6.01 -29.03
CA ARG A 851 21.60 -5.30 -27.83
C ARG A 851 21.14 -6.28 -26.75
N ASP A 852 20.40 -7.32 -27.13
CA ASP A 852 19.99 -8.34 -26.18
C ASP A 852 21.19 -9.07 -25.59
N PHE A 853 22.31 -9.12 -26.32
CA PHE A 853 23.52 -9.70 -25.77
C PHE A 853 24.01 -8.91 -24.57
N ALA A 854 23.97 -7.58 -24.65
CA ALA A 854 24.30 -6.75 -23.49
C ALA A 854 23.25 -6.90 -22.40
N ASP A 855 21.98 -7.02 -22.79
CA ASP A 855 20.92 -7.17 -21.80
C ASP A 855 21.08 -8.47 -21.02
N SER A 856 21.44 -9.56 -21.70
CA SER A 856 21.56 -10.84 -21.01
C SER A 856 22.81 -10.90 -20.14
N VAL A 857 23.89 -10.22 -20.54
CA VAL A 857 25.06 -10.12 -19.68
C VAL A 857 24.71 -9.38 -18.40
N GLY A 858 23.97 -8.27 -18.53
CA GLY A 858 23.48 -7.58 -17.34
C GLY A 858 22.57 -8.45 -16.50
N HIS A 859 21.74 -9.27 -17.15
CA HIS A 859 20.88 -10.19 -16.42
C HIS A 859 21.70 -11.19 -15.63
N ILE A 860 22.78 -11.70 -16.22
CA ILE A 860 23.67 -12.61 -15.50
C ILE A 860 24.30 -11.89 -14.31
N ILE A 861 24.69 -10.64 -14.51
CA ILE A 861 25.31 -9.86 -13.42
C ILE A 861 24.32 -9.71 -12.25
N ARG A 862 23.07 -9.34 -12.56
CA ARG A 862 22.08 -9.17 -11.51
C ARG A 862 21.74 -10.50 -10.84
N TYR A 863 21.72 -11.59 -11.62
CA TYR A 863 21.50 -12.91 -11.05
C TYR A 863 22.58 -13.27 -10.05
N THR A 864 23.84 -13.02 -10.43
CA THR A 864 24.95 -13.31 -9.52
C THR A 864 24.87 -12.44 -8.27
N ARG A 865 24.52 -11.17 -8.43
CA ARG A 865 24.39 -10.28 -7.28
C ARG A 865 23.28 -10.74 -6.35
N GLU A 866 22.13 -11.11 -6.90
CA GLU A 866 21.02 -11.56 -6.08
C GLU A 866 21.39 -12.84 -5.33
N TYR A 867 22.07 -13.77 -6.02
CA TYR A 867 22.43 -15.01 -5.35
C TYR A 867 23.52 -14.80 -4.30
N THR A 868 24.44 -13.86 -4.50
CA THR A 868 25.42 -13.61 -3.46
C THR A 868 24.80 -12.89 -2.26
N LEU A 869 23.79 -12.04 -2.49
CA LEU A 869 23.03 -11.48 -1.38
C LEU A 869 22.30 -12.59 -0.61
N LEU A 870 21.70 -13.54 -1.33
CA LEU A 870 21.05 -14.65 -0.68
C LEU A 870 22.05 -15.50 0.10
N VAL A 871 23.25 -15.67 -0.44
CA VAL A 871 24.30 -16.40 0.27
C VAL A 871 24.67 -15.68 1.55
N LEU A 872 24.82 -14.36 1.50
CA LEU A 872 25.13 -13.59 2.70
C LEU A 872 24.02 -13.72 3.74
N SER A 873 22.77 -13.67 3.30
CA SER A 873 21.65 -13.83 4.23
C SER A 873 21.66 -15.22 4.86
N ALA A 874 21.93 -16.26 4.06
CA ALA A 874 21.96 -17.62 4.58
C ALA A 874 23.11 -17.78 5.58
N ILE A 875 24.26 -17.16 5.31
CA ILE A 875 25.37 -17.19 6.25
C ILE A 875 24.98 -16.49 7.55
N SER A 876 24.27 -15.36 7.44
CA SER A 876 23.75 -14.69 8.62
C SER A 876 22.79 -15.59 9.40
N SER A 877 22.07 -16.47 8.71
CA SER A 877 21.17 -17.40 9.39
C SER A 877 21.92 -18.39 10.27
N LEU A 878 23.22 -18.58 10.03
CA LEU A 878 24.00 -19.50 10.87
C LEU A 878 24.07 -18.99 12.31
N GLY A 879 24.30 -17.70 12.50
CA GLY A 879 24.26 -17.12 13.82
C GLY A 879 25.61 -16.77 14.42
N SER A 880 26.02 -17.53 15.43
CA SER A 880 27.21 -17.18 16.20
C SER A 880 28.46 -17.21 15.34
N VAL A 881 28.56 -18.18 14.43
CA VAL A 881 29.77 -18.32 13.63
C VAL A 881 29.98 -17.12 12.71
N PHE A 882 28.94 -16.36 12.43
CA PHE A 882 29.03 -15.18 11.57
C PHE A 882 28.99 -13.86 12.32
N TYR A 883 28.31 -13.82 13.47
CA TYR A 883 28.16 -12.57 14.21
C TYR A 883 29.26 -12.34 15.23
N LEU A 884 30.21 -13.28 15.37
CA LEU A 884 31.24 -13.17 16.40
C LEU A 884 32.58 -12.68 15.86
N LEU A 885 33.00 -13.15 14.68
CA LEU A 885 34.29 -12.76 14.16
C LEU A 885 34.32 -11.28 13.81
N ASP A 886 35.47 -10.64 14.04
CA ASP A 886 35.60 -9.21 13.83
C ASP A 886 35.65 -8.82 12.35
N GLU A 887 35.86 -9.78 11.45
CA GLU A 887 35.92 -9.46 10.04
C GLU A 887 34.55 -9.17 9.45
N SER A 888 33.51 -9.83 9.96
CA SER A 888 32.18 -9.70 9.36
C SER A 888 31.63 -8.28 9.38
N PRO A 889 31.68 -7.51 10.48
CA PRO A 889 31.09 -6.16 10.43
C PRO A 889 31.75 -5.24 9.41
N ASP A 890 33.05 -5.39 9.17
CA ASP A 890 33.76 -4.53 8.23
C ASP A 890 33.72 -5.05 6.81
N LEU A 891 33.81 -6.37 6.63
CA LEU A 891 33.84 -6.94 5.29
C LEU A 891 32.53 -6.69 4.55
N LEU A 892 31.40 -6.86 5.24
CA LEU A 892 30.10 -6.70 4.58
C LEU A 892 29.88 -5.26 4.13
N LEU A 893 30.20 -4.28 4.99
CA LEU A 893 29.90 -2.90 4.67
C LEU A 893 30.82 -2.35 3.59
N ASN A 894 32.08 -2.79 3.57
CA ASN A 894 33.00 -2.34 2.53
C ASN A 894 32.56 -2.81 1.15
N SER A 895 32.05 -4.04 1.07
CA SER A 895 31.61 -4.57 -0.22
C SER A 895 30.29 -3.96 -0.66
N ILE A 896 29.37 -3.71 0.29
CA ILE A 896 28.06 -3.20 -0.07
C ILE A 896 28.16 -1.80 -0.66
N ALA A 897 28.93 -0.93 -0.02
CA ALA A 897 29.11 0.45 -0.46
C ALA A 897 30.59 0.75 -0.59
N ILE A 898 30.98 1.32 -1.73
CA ILE A 898 32.36 1.68 -1.99
C ILE A 898 32.48 3.20 -2.01
N PHE A 899 33.66 3.69 -1.68
CA PHE A 899 33.94 5.12 -1.66
C PHE A 899 35.09 5.41 -2.61
N LYS A 900 34.81 6.21 -3.64
CA LYS A 900 35.85 6.61 -4.58
C LYS A 900 36.84 7.54 -3.88
N PRO A 901 38.08 7.60 -4.36
CA PRO A 901 39.07 8.52 -3.75
C PRO A 901 38.59 9.96 -3.69
N GLY A 902 37.90 10.42 -4.73
CA GLY A 902 37.29 11.74 -4.73
C GLY A 902 35.78 11.65 -4.56
N SER A 903 35.19 12.81 -4.29
CA SER A 903 33.75 12.95 -4.14
C SER A 903 33.21 12.11 -2.99
N ASN A 904 31.88 12.07 -2.83
CA ASN A 904 31.25 11.28 -1.80
C ASN A 904 30.15 10.38 -2.35
N GLU A 905 30.19 10.08 -3.65
CA GLU A 905 29.21 9.18 -4.23
C GLU A 905 29.37 7.78 -3.68
N ILE A 906 28.25 7.17 -3.30
CA ILE A 906 28.26 5.82 -2.73
C ILE A 906 28.02 4.83 -3.87
N SER A 907 29.07 4.07 -4.21
CA SER A 907 29.04 3.09 -5.28
C SER A 907 28.42 3.66 -6.54
N PRO A 908 29.12 4.56 -7.25
CA PRO A 908 28.54 5.15 -8.47
C PRO A 908 28.26 4.08 -9.51
N GLY A 909 27.16 4.27 -10.24
CA GLY A 909 26.84 3.45 -11.39
C GLY A 909 25.75 2.42 -11.18
N VAL A 910 25.32 2.17 -9.95
CA VAL A 910 24.28 1.17 -9.67
C VAL A 910 22.97 1.89 -9.46
N SER A 911 21.91 1.38 -10.10
CA SER A 911 20.61 2.01 -10.06
C SER A 911 19.96 1.85 -8.69
N THR A 912 18.83 2.54 -8.51
CA THR A 912 18.11 2.47 -7.25
C THR A 912 17.55 1.08 -6.99
N HIS A 913 17.10 0.39 -8.03
CA HIS A 913 16.50 -0.93 -7.87
C HIS A 913 17.49 -1.91 -7.25
N GLY A 914 18.74 -1.88 -7.72
CA GLY A 914 19.76 -2.73 -7.15
C GLY A 914 19.98 -2.45 -5.67
N TRP A 915 20.03 -1.16 -5.30
CA TRP A 915 20.14 -0.82 -3.89
C TRP A 915 18.92 -1.29 -3.11
N LYS A 916 17.73 -1.21 -3.71
CA LYS A 916 16.53 -1.68 -3.04
C LYS A 916 16.62 -3.17 -2.73
N HIS A 917 17.11 -3.96 -3.69
CA HIS A 917 17.25 -5.40 -3.44
C HIS A 917 18.34 -5.69 -2.42
N ILE A 918 19.52 -5.10 -2.57
CA ILE A 918 20.60 -5.36 -1.61
C ILE A 918 20.28 -4.81 -0.23
N MET A 919 19.25 -3.96 -0.10
CA MET A 919 18.77 -3.55 1.20
C MET A 919 17.69 -4.49 1.73
N ASN A 920 16.83 -5.01 0.86
CA ASN A 920 15.70 -5.84 1.27
C ASN A 920 16.01 -7.33 1.28
N ILE A 921 17.19 -7.74 0.83
CA ILE A 921 17.56 -9.15 0.75
C ILE A 921 18.63 -9.51 1.76
N ALA A 922 19.65 -8.65 1.92
CA ALA A 922 20.77 -8.93 2.80
C ALA A 922 20.66 -8.21 4.14
N ILE A 923 20.41 -6.90 4.12
CA ILE A 923 20.47 -6.11 5.35
C ILE A 923 19.35 -6.51 6.31
N ARG A 924 18.14 -6.71 5.79
CA ARG A 924 17.01 -7.03 6.66
C ARG A 924 17.22 -8.33 7.45
N PRO A 925 17.54 -9.47 6.82
CA PRO A 925 17.78 -10.68 7.63
C PRO A 925 19.01 -10.57 8.52
N ILE A 926 20.05 -9.85 8.09
CA ILE A 926 21.24 -9.71 8.91
C ILE A 926 20.93 -8.94 10.18
N LEU A 927 20.18 -7.84 10.06
CA LEU A 927 19.84 -7.04 11.22
C LEU A 927 18.83 -7.75 12.11
N LYS A 928 17.81 -8.39 11.51
CA LYS A 928 16.80 -9.06 12.31
C LYS A 928 17.29 -10.39 12.86
N GLY A 929 18.21 -11.06 12.17
CA GLY A 929 18.66 -12.37 12.56
C GLY A 929 19.75 -12.42 13.61
N CYS A 930 20.18 -11.28 14.12
CA CYS A 930 21.25 -11.27 15.11
C CYS A 930 20.74 -11.83 16.43
N PRO A 931 21.43 -12.80 17.02
CA PRO A 931 20.98 -13.35 18.31
C PRO A 931 21.16 -12.34 19.44
N LYS A 932 20.46 -12.62 20.53
CA LYS A 932 20.50 -11.70 21.68
C LYS A 932 21.90 -11.60 22.27
N ASP A 933 22.61 -12.73 22.36
CA ASP A 933 23.95 -12.72 22.94
C ASP A 933 24.97 -12.05 22.04
N CYS A 934 24.72 -12.02 20.73
CA CYS A 934 25.68 -11.47 19.77
C CYS A 934 25.44 -10.00 19.46
N LEU A 935 24.40 -9.38 20.04
CA LEU A 935 24.10 -7.99 19.74
C LEU A 935 25.13 -7.05 20.36
N GLY A 936 25.79 -7.47 21.44
CA GLY A 936 26.73 -6.60 22.13
C GLY A 936 28.04 -6.42 21.39
N LYS A 937 28.38 -7.32 20.47
CA LYS A 937 29.65 -7.26 19.76
C LYS A 937 29.52 -6.83 18.31
N PHE A 938 28.39 -7.13 17.66
CA PHE A 938 28.23 -6.81 16.25
C PHE A 938 27.68 -5.42 16.01
N MET A 939 26.71 -4.99 16.82
CA MET A 939 26.10 -3.68 16.63
C MET A 939 27.09 -2.52 16.71
N PRO A 940 27.99 -2.44 17.71
CA PRO A 940 28.88 -1.27 17.77
C PRO A 940 29.78 -1.11 16.55
N ALA A 941 30.19 -2.21 15.91
CA ALA A 941 31.06 -2.14 14.75
C ALA A 941 30.31 -2.16 13.43
N PHE A 942 28.98 -2.24 13.46
CA PHE A 942 28.18 -2.33 12.24
C PHE A 942 27.15 -1.23 12.11
N LEU A 943 26.48 -0.86 13.20
CA LEU A 943 25.43 0.15 13.14
C LEU A 943 25.92 1.52 12.69
N PRO A 944 27.02 2.08 13.24
CA PRO A 944 27.38 3.46 12.83
C PRO A 944 27.67 3.61 11.36
N LYS A 945 28.52 2.75 10.79
CA LYS A 945 28.87 2.88 9.38
C LYS A 945 27.67 2.63 8.50
N LEU A 946 26.84 1.64 8.84
CA LEU A 946 25.65 1.36 8.05
C LEU A 946 24.69 2.55 8.07
N PHE A 947 24.46 3.15 9.24
CA PHE A 947 23.57 4.30 9.32
C PHE A 947 24.13 5.48 8.55
N GLU A 948 25.44 5.72 8.65
CA GLU A 948 26.04 6.81 7.89
C GLU A 948 25.90 6.59 6.39
N ILE A 949 26.14 5.36 5.94
CA ILE A 949 26.05 5.05 4.52
C ILE A 949 24.61 5.24 4.03
N LEU A 950 23.64 4.75 4.80
CA LEU A 950 22.24 4.90 4.42
C LEU A 950 21.83 6.36 4.36
N ASP A 951 22.24 7.15 5.37
CA ASP A 951 21.87 8.56 5.39
C ASP A 951 22.48 9.30 4.20
N LEU A 952 23.77 9.07 3.94
CA LEU A 952 24.41 9.75 2.82
C LEU A 952 23.78 9.34 1.49
N LEU A 953 23.49 8.05 1.31
CA LEU A 953 22.89 7.58 0.07
C LEU A 953 21.51 8.18 -0.13
N LEU A 954 20.69 8.22 0.92
CA LEU A 954 19.34 8.75 0.79
C LEU A 954 19.37 10.25 0.53
N CYS A 955 20.32 10.97 1.16
CA CYS A 955 20.46 12.39 0.89
C CYS A 955 20.89 12.63 -0.55
N GLN A 956 21.81 11.81 -1.07
CA GLN A 956 22.30 12.01 -2.42
C GLN A 956 21.24 11.68 -3.47
N LYS A 957 20.54 10.54 -3.29
CA LYS A 957 19.57 10.11 -4.30
C LYS A 957 18.41 11.09 -4.40
N TRP A 958 17.90 11.57 -3.27
CA TRP A 958 16.74 12.46 -3.30
C TRP A 958 17.10 13.87 -3.75
N SER A 959 18.38 14.25 -3.67
CA SER A 959 18.78 15.62 -3.97
C SER A 959 18.81 15.90 -5.47
N SER A 960 18.86 14.88 -6.32
CA SER A 960 18.95 15.09 -7.76
C SER A 960 17.71 15.81 -8.29
N HIS A 961 16.54 15.42 -7.81
CA HIS A 961 15.26 15.97 -8.23
C HIS A 961 14.40 16.31 -7.01
N MET A 962 15.00 17.00 -6.04
CA MET A 962 14.39 17.16 -4.72
C MET A 962 13.02 17.82 -4.82
N ASN A 963 12.89 18.86 -5.65
CA ASN A 963 11.64 19.59 -5.79
C ASN A 963 10.90 19.23 -7.08
N ASP A 964 11.09 18.02 -7.60
CA ASP A 964 10.56 17.64 -8.90
C ASP A 964 9.61 16.45 -8.85
N MET A 965 8.84 16.31 -7.77
CA MET A 965 7.79 15.29 -7.75
C MET A 965 6.51 15.91 -7.20
N ASP A 966 5.47 15.09 -7.16
CA ASP A 966 4.26 15.37 -6.41
C ASP A 966 4.28 14.58 -5.10
N MET A 967 3.43 14.99 -4.16
CA MET A 967 3.40 14.34 -2.86
C MET A 967 3.03 12.87 -2.99
N ASN A 968 1.94 12.58 -3.72
CA ASN A 968 1.48 11.20 -3.82
C ASN A 968 1.95 10.57 -5.13
N PRO A 969 2.23 9.26 -5.12
CA PRO A 969 2.61 8.59 -6.38
C PRO A 969 1.50 8.68 -7.42
N VAL A 970 1.90 8.87 -8.67
CA VAL A 970 0.97 9.01 -9.78
C VAL A 970 0.73 7.65 -10.42
N PRO A 971 -0.52 7.22 -10.57
CA PRO A 971 -0.79 5.95 -11.24
C PRO A 971 -0.28 5.96 -12.68
N THR A 972 0.66 5.05 -12.96
CA THR A 972 1.28 4.99 -14.27
C THR A 972 0.29 4.50 -15.32
N ASP A 973 0.55 4.87 -16.57
CA ASP A 973 -0.30 4.47 -17.70
C ASP A 973 0.56 4.41 -18.96
N ASP A 974 -0.11 4.40 -20.11
CA ASP A 974 0.58 4.20 -21.39
C ASP A 974 1.53 5.34 -21.71
N ASP A 975 1.36 6.50 -21.10
CA ASP A 975 2.30 7.60 -21.27
C ASP A 975 3.28 7.74 -20.11
N GLN A 976 3.29 6.81 -19.16
CA GLN A 976 4.05 6.99 -17.92
C GLN A 976 5.14 5.95 -17.72
N MET A 977 5.64 5.32 -18.78
CA MET A 977 6.87 4.54 -18.65
C MET A 977 8.11 5.39 -18.86
N THR A 978 7.98 6.71 -18.73
CA THR A 978 9.14 7.59 -18.72
C THR A 978 10.06 7.20 -17.57
N GLU A 979 11.37 7.22 -17.84
CA GLU A 979 12.34 6.76 -16.84
C GLU A 979 12.26 7.59 -15.56
N GLU A 980 11.79 8.84 -15.64
CA GLU A 980 11.67 9.66 -14.45
C GLU A 980 10.65 9.07 -13.48
N ILE A 981 9.49 8.65 -13.99
CA ILE A 981 8.45 8.09 -13.13
C ILE A 981 8.90 6.79 -12.50
N LEU A 982 9.53 5.92 -13.30
CA LEU A 982 10.01 4.65 -12.77
C LEU A 982 11.10 4.85 -11.72
N GLU A 983 12.00 5.80 -11.97
CA GLU A 983 13.04 6.11 -10.98
C GLU A 983 12.43 6.67 -9.70
N GLU A 984 11.40 7.52 -9.84
CA GLU A 984 10.70 8.05 -8.67
C GLU A 984 10.07 6.95 -7.85
N ASN A 985 9.40 6.00 -8.52
CA ASN A 985 8.78 4.88 -7.81
C ASN A 985 9.82 4.01 -7.13
N LEU A 986 10.95 3.75 -7.81
CA LEU A 986 12.01 2.96 -7.20
C LEU A 986 12.60 3.66 -5.99
N LEU A 987 12.79 4.98 -6.07
CA LEU A 987 13.30 5.74 -4.93
C LEU A 987 12.32 5.69 -3.76
N ARG A 988 11.02 5.82 -4.04
CA ARG A 988 10.03 5.71 -2.98
C ARG A 988 10.07 4.33 -2.33
N GLN A 989 10.21 3.27 -3.14
CA GLN A 989 10.30 1.93 -2.59
C GLN A 989 11.56 1.76 -1.73
N LEU A 990 12.68 2.31 -2.16
CA LEU A 990 13.91 2.24 -1.37
C LEU A 990 13.75 3.00 -0.05
N THR A 991 13.10 4.16 -0.09
CA THR A 991 12.85 4.90 1.14
C THR A 991 11.96 4.12 2.07
N THR A 992 10.94 3.45 1.53
CA THR A 992 10.08 2.60 2.36
C THR A 992 10.89 1.46 2.97
N VAL A 993 11.81 0.89 2.21
CA VAL A 993 12.63 -0.21 2.72
C VAL A 993 13.50 0.26 3.87
N VAL A 994 14.14 1.42 3.73
CA VAL A 994 14.99 1.91 4.81
C VAL A 994 14.15 2.34 6.02
N VAL A 995 12.93 2.82 5.79
CA VAL A 995 12.04 3.13 6.90
C VAL A 995 11.67 1.85 7.66
N ARG A 996 11.41 0.77 6.92
CA ARG A 996 11.16 -0.52 7.56
C ARG A 996 12.39 -1.00 8.33
N ILE A 997 13.58 -0.75 7.78
CA ILE A 997 14.82 -1.07 8.48
C ILE A 997 14.86 -0.36 9.83
N VAL A 998 14.61 0.95 9.82
CA VAL A 998 14.65 1.73 11.06
C VAL A 998 13.58 1.25 12.04
N ILE A 999 12.39 0.92 11.52
CA ILE A 999 11.30 0.46 12.38
C ILE A 999 11.69 -0.85 13.06
N ASP A 1000 12.17 -1.82 12.28
CA ASP A 1000 12.56 -3.09 12.86
C ASP A 1000 13.74 -2.93 13.82
N CYS A 1001 14.59 -1.93 13.57
CA CYS A 1001 15.75 -1.74 14.43
C CYS A 1001 15.37 -1.15 15.78
N VAL A 1002 14.54 -0.11 15.79
CA VAL A 1002 14.38 0.68 17.02
C VAL A 1002 12.95 0.64 17.56
N GLY A 1003 11.97 0.52 16.67
CA GLY A 1003 10.60 0.51 17.17
C GLY A 1003 9.84 1.75 16.74
N GLN A 1004 8.56 1.55 16.45
CA GLN A 1004 7.69 2.63 16.00
C GLN A 1004 6.60 2.88 17.04
N GLY A 1005 6.25 4.14 17.23
CA GLY A 1005 5.21 4.51 18.15
C GLY A 1005 3.83 4.38 17.55
N ASN A 1006 2.84 4.83 18.31
CA ASN A 1006 1.46 4.80 17.88
C ASN A 1006 1.04 6.16 17.34
N ALA A 1007 -0.24 6.26 16.96
CA ALA A 1007 -0.78 7.49 16.41
C ALA A 1007 -1.09 8.46 17.55
N ASN A 1008 -1.85 9.52 17.25
CA ASN A 1008 -2.21 10.49 18.27
C ASN A 1008 -2.90 9.86 19.49
N PRO A 1009 -3.83 8.90 19.35
CA PRO A 1009 -4.26 8.14 20.53
C PRO A 1009 -3.08 7.42 21.16
N ASN A 1010 -2.71 7.81 22.37
CA ASN A 1010 -1.49 7.33 23.00
C ASN A 1010 -1.77 6.20 23.96
N SER A 1011 -0.70 5.48 24.32
CA SER A 1011 -0.76 4.37 25.26
C SER A 1011 0.63 4.19 25.86
N ALA A 1012 0.84 3.07 26.55
CA ALA A 1012 2.12 2.78 27.18
C ALA A 1012 3.07 2.17 26.15
N LYS A 1013 3.44 3.01 25.17
CA LYS A 1013 4.35 2.63 24.09
C LYS A 1013 3.80 1.48 23.26
N SER A 1014 4.60 1.01 22.29
CA SER A 1014 4.18 -0.07 21.40
C SER A 1014 4.60 -1.42 22.00
N ARG A 1015 4.43 -2.48 21.22
CA ARG A 1015 4.83 -3.82 21.67
C ARG A 1015 6.26 -4.14 21.25
N LEU A 1016 7.21 -3.44 21.87
CA LEU A 1016 8.63 -3.69 21.63
C LEU A 1016 9.03 -4.99 22.33
N ASN A 1017 8.84 -6.11 21.65
CA ASN A 1017 8.87 -7.42 22.31
C ASN A 1017 10.25 -7.80 22.87
N ASN A 1018 11.20 -8.14 22.01
CA ASN A 1018 12.50 -8.54 22.53
C ASN A 1018 13.68 -7.91 21.81
N HIS A 1019 13.63 -7.80 20.49
CA HIS A 1019 14.76 -7.28 19.74
C HIS A 1019 14.96 -5.80 20.00
N GLN A 1020 13.87 -5.05 20.12
CA GLN A 1020 13.96 -3.59 20.14
C GLN A 1020 14.50 -3.08 21.47
N MET A 1021 14.21 -3.78 22.57
CA MET A 1021 14.82 -3.41 23.85
C MET A 1021 16.34 -3.48 23.78
N GLU A 1022 16.87 -4.60 23.26
CA GLU A 1022 18.31 -4.75 23.19
C GLU A 1022 18.93 -3.73 22.25
N MET A 1023 18.27 -3.46 21.12
CA MET A 1023 18.83 -2.54 20.14
C MET A 1023 18.76 -1.10 20.63
N ARG A 1024 17.68 -0.73 21.32
CA ARG A 1024 17.56 0.62 21.85
C ARG A 1024 18.64 0.92 22.88
N LYS A 1025 18.94 -0.07 23.74
CA LYS A 1025 20.00 0.13 24.73
C LYS A 1025 21.35 0.36 24.07
N ILE A 1026 21.64 -0.38 23.00
CA ILE A 1026 22.91 -0.20 22.30
C ILE A 1026 22.94 1.15 21.60
N ILE A 1027 21.87 1.50 20.88
CA ILE A 1027 21.86 2.72 20.08
C ILE A 1027 21.85 3.95 20.98
N PHE A 1028 20.96 3.98 21.98
CA PHE A 1028 20.75 5.20 22.74
C PHE A 1028 21.88 5.47 23.74
N ASN A 1029 22.52 4.44 24.25
CA ASN A 1029 23.60 4.61 25.21
C ASN A 1029 24.97 4.77 24.57
N ASP A 1030 25.03 4.79 23.23
CA ASP A 1030 26.27 4.98 22.50
C ASP A 1030 26.08 6.14 21.54
N LEU A 1031 26.64 7.30 21.88
CA LEU A 1031 26.49 8.48 21.02
C LEU A 1031 27.16 8.28 19.67
N ASN A 1032 28.22 7.46 19.62
CA ASN A 1032 28.90 7.18 18.36
C ASN A 1032 27.96 6.52 17.36
N THR A 1033 27.01 5.72 17.84
CA THR A 1033 25.98 5.15 16.99
C THR A 1033 24.72 6.00 16.95
N LEU A 1034 24.48 6.80 17.98
CA LEU A 1034 23.24 7.59 18.06
C LEU A 1034 23.28 8.76 17.08
N ALA A 1035 24.42 9.44 16.97
CA ALA A 1035 24.50 10.61 16.09
C ALA A 1035 24.21 10.28 14.63
N PRO A 1036 24.82 9.25 14.02
CA PRO A 1036 24.42 8.91 12.64
C PRO A 1036 22.96 8.49 12.55
N PHE A 1037 22.44 7.81 13.57
CA PHE A 1037 21.04 7.42 13.55
C PHE A 1037 20.12 8.62 13.58
N LEU A 1038 20.42 9.61 14.43
CA LEU A 1038 19.62 10.82 14.47
C LEU A 1038 19.74 11.61 13.18
N LYS A 1039 20.94 11.63 12.59
CA LYS A 1039 21.12 12.30 11.30
C LYS A 1039 20.28 11.64 10.22
N LEU A 1040 20.21 10.30 10.22
CA LEU A 1040 19.39 9.59 9.25
C LEU A 1040 17.91 9.89 9.46
N LEU A 1041 17.47 9.95 10.71
CA LEU A 1041 16.04 10.11 10.99
C LEU A 1041 15.53 11.47 10.54
N ASN A 1042 16.34 12.51 10.69
CA ASN A 1042 15.93 13.85 10.27
C ASN A 1042 15.69 13.90 8.76
N HIS A 1043 16.58 13.28 7.99
CA HIS A 1043 16.39 13.25 6.54
C HIS A 1043 15.12 12.51 6.15
N LEU A 1044 14.82 11.41 6.86
CA LEU A 1044 13.62 10.64 6.55
C LEU A 1044 12.37 11.48 6.72
N ILE A 1045 12.30 12.28 7.79
CA ILE A 1045 11.16 13.17 7.97
C ILE A 1045 11.16 14.26 6.91
N SER A 1046 12.34 14.84 6.61
CA SER A 1046 12.42 15.92 5.63
C SER A 1046 12.09 15.46 4.22
N PHE A 1047 12.23 14.16 3.92
CA PHE A 1047 12.03 13.68 2.56
C PHE A 1047 10.55 13.76 2.19
N LYS A 1048 10.31 14.01 0.90
CA LYS A 1048 8.97 14.28 0.38
C LYS A 1048 8.29 12.97 0.03
N ASP A 1049 7.57 12.40 0.98
CA ASP A 1049 6.70 11.25 0.73
C ASP A 1049 5.67 11.19 1.84
N THR A 1050 4.57 10.49 1.56
CA THR A 1050 3.46 10.45 2.51
C THR A 1050 3.69 9.42 3.61
N LYS A 1051 3.82 8.15 3.22
CA LYS A 1051 3.92 7.08 4.22
C LYS A 1051 5.25 7.11 4.96
N CYS A 1052 6.35 7.32 4.23
CA CYS A 1052 7.67 7.31 4.86
C CYS A 1052 7.81 8.42 5.88
N SER A 1053 7.34 9.62 5.56
CA SER A 1053 7.42 10.74 6.50
C SER A 1053 6.59 10.45 7.74
N PHE A 1054 5.38 9.92 7.57
CA PHE A 1054 4.53 9.59 8.70
C PHE A 1054 5.19 8.55 9.61
N ASN A 1055 5.75 7.49 9.01
CA ASN A 1055 6.39 6.45 9.80
C ASN A 1055 7.63 6.97 10.51
N SER A 1056 8.42 7.81 9.83
CA SER A 1056 9.60 8.38 10.47
C SER A 1056 9.22 9.29 11.63
N ILE A 1057 8.15 10.07 11.47
CA ILE A 1057 7.69 10.93 12.57
C ILE A 1057 7.23 10.08 13.74
N LEU A 1058 6.51 8.99 13.46
CA LEU A 1058 6.07 8.10 14.54
C LEU A 1058 7.28 7.49 15.26
N VAL A 1059 8.29 7.06 14.50
CA VAL A 1059 9.49 6.50 15.11
C VAL A 1059 10.19 7.54 15.98
N MET A 1060 10.29 8.77 15.47
CA MET A 1060 10.93 9.83 16.25
C MET A 1060 10.16 10.10 17.53
N LYS A 1061 8.83 10.12 17.47
CA LYS A 1061 8.02 10.29 18.67
C LYS A 1061 8.26 9.15 19.66
N CYS A 1062 8.38 7.91 19.15
CA CYS A 1062 8.66 6.78 20.02
C CYS A 1062 10.01 6.93 20.70
N CYS A 1063 11.01 7.43 19.97
CA CYS A 1063 12.36 7.60 20.49
C CYS A 1063 12.61 8.96 21.11
N LEU A 1064 11.58 9.82 21.19
CA LEU A 1064 11.81 11.21 21.58
C LEU A 1064 12.11 11.35 23.07
N THR A 1065 11.55 10.49 23.91
CA THR A 1065 11.62 10.66 25.35
C THR A 1065 12.84 10.01 25.98
N SER A 1066 13.75 9.45 25.18
CA SER A 1066 14.91 8.75 25.73
C SER A 1066 16.23 9.22 25.13
N VAL A 1067 16.26 10.36 24.43
CA VAL A 1067 17.50 10.83 23.82
C VAL A 1067 17.70 12.31 24.13
N LEU A 1068 16.68 12.96 24.69
CA LEU A 1068 16.68 14.41 24.81
C LEU A 1068 17.44 14.94 26.02
N ASN A 1069 17.93 14.06 26.89
CA ASN A 1069 18.69 14.52 28.06
C ASN A 1069 19.90 13.66 28.38
N GLN A 1070 20.22 12.65 27.57
CA GLN A 1070 21.35 11.78 27.90
C GLN A 1070 22.68 12.47 27.69
N ASN A 1071 22.84 13.18 26.58
CA ASN A 1071 24.12 13.80 26.24
C ASN A 1071 23.89 15.23 25.77
N ASN A 1072 24.92 16.06 25.97
CA ASN A 1072 24.83 17.46 25.54
C ASN A 1072 24.94 17.60 24.03
N THR A 1073 25.77 16.77 23.40
CA THR A 1073 25.95 16.84 21.96
C THR A 1073 24.66 16.48 21.22
N VAL A 1074 23.87 15.55 21.78
CA VAL A 1074 22.61 15.17 21.15
C VAL A 1074 21.66 16.36 21.12
N ASP A 1075 21.59 17.11 22.21
CA ASP A 1075 20.73 18.29 22.25
C ASP A 1075 21.18 19.35 21.25
N GLU A 1076 22.49 19.42 20.98
CA GLU A 1076 22.97 20.39 20.00
C GLU A 1076 22.43 20.09 18.61
N TYR A 1077 22.40 18.81 18.22
CA TYR A 1077 21.83 18.46 16.93
C TYR A 1077 20.33 18.72 16.90
N PHE A 1078 19.64 18.42 18.01
CA PHE A 1078 18.21 18.68 18.09
C PHE A 1078 17.91 20.17 18.00
N THR A 1079 18.74 20.99 18.64
CA THR A 1079 18.48 22.43 18.68
C THR A 1079 18.53 23.05 17.30
N PHE A 1080 19.52 22.67 16.49
CA PHE A 1080 19.78 23.37 15.24
C PHE A 1080 19.31 22.63 14.00
N GLU A 1081 19.27 21.30 14.02
CA GLU A 1081 18.97 20.52 12.83
C GLU A 1081 17.58 19.91 12.86
N VAL A 1082 17.25 19.11 13.88
CA VAL A 1082 16.00 18.36 13.87
C VAL A 1082 14.80 19.29 14.01
N MET A 1083 14.85 20.21 14.98
CA MET A 1083 13.71 21.08 15.21
C MET A 1083 13.53 22.10 14.09
N LYS A 1084 14.65 22.65 13.59
CA LYS A 1084 14.56 23.60 12.48
C LYS A 1084 13.97 22.94 11.23
N ASN A 1085 14.40 21.72 10.93
CA ASN A 1085 13.87 21.02 9.76
C ASN A 1085 12.39 20.67 9.96
N LEU A 1086 12.02 20.26 11.16
CA LEU A 1086 10.63 19.90 11.43
C LEU A 1086 9.70 21.09 11.27
N LEU A 1087 10.08 22.23 11.85
CA LEU A 1087 9.20 23.40 11.83
C LEU A 1087 9.17 24.07 10.46
N LEU A 1088 10.33 24.18 9.80
CA LEU A 1088 10.42 24.96 8.58
C LEU A 1088 10.14 24.17 7.31
N ASN A 1089 10.46 22.87 7.30
CA ASN A 1089 10.31 22.06 6.09
C ASN A 1089 9.16 21.06 6.16
N VAL A 1090 8.54 20.87 7.32
CA VAL A 1090 7.43 19.93 7.45
C VAL A 1090 6.20 20.67 7.95
N LEU A 1091 6.31 21.27 9.13
CA LEU A 1091 5.18 22.00 9.70
C LEU A 1091 4.82 23.21 8.84
N CYS A 1092 5.81 23.97 8.40
CA CYS A 1092 5.55 25.14 7.58
C CYS A 1092 5.04 24.75 6.19
N ASN A 1093 5.59 23.68 5.62
CA ASN A 1093 5.20 23.26 4.28
C ASN A 1093 3.76 22.77 4.27
N SER A 1094 3.04 23.11 3.20
CA SER A 1094 1.63 22.80 3.07
C SER A 1094 1.37 21.45 2.41
N ALA A 1095 2.41 20.74 1.98
CA ALA A 1095 2.23 19.45 1.33
C ALA A 1095 2.32 18.27 2.29
N PHE A 1096 2.52 18.52 3.58
CA PHE A 1096 2.62 17.48 4.59
C PHE A 1096 1.41 17.48 5.52
N LYS A 1097 0.23 17.73 4.97
CA LYS A 1097 -0.98 17.76 5.78
C LYS A 1097 -1.34 16.39 6.34
N ASP A 1098 -0.96 15.32 5.64
CA ASP A 1098 -1.29 13.98 6.11
C ASP A 1098 -0.60 13.66 7.43
N SER A 1099 0.67 14.04 7.57
CA SER A 1099 1.43 13.80 8.78
C SER A 1099 1.58 15.05 9.63
N PHE A 1100 0.59 15.94 9.61
CA PHE A 1100 0.73 17.21 10.32
C PHE A 1100 0.56 17.02 11.82
N HIS A 1101 -0.39 16.19 12.24
CA HIS A 1101 -0.71 16.07 13.67
C HIS A 1101 0.45 15.47 14.45
N GLU A 1102 0.96 14.33 13.98
CA GLU A 1102 2.05 13.66 14.71
C GLU A 1102 3.32 14.49 14.70
N ALA A 1103 3.63 15.13 13.57
CA ALA A 1103 4.79 16.00 13.52
C ALA A 1103 4.64 17.19 14.46
N LEU A 1104 3.43 17.75 14.53
CA LEU A 1104 3.17 18.85 15.44
C LEU A 1104 3.36 18.41 16.90
N TYR A 1105 2.85 17.24 17.25
CA TYR A 1105 3.03 16.73 18.61
C TYR A 1105 4.50 16.51 18.93
N ALA A 1106 5.24 15.92 17.98
CA ALA A 1106 6.67 15.69 18.20
C ALA A 1106 7.41 17.01 18.37
N PHE A 1107 7.07 18.01 17.56
CA PHE A 1107 7.70 19.32 17.70
C PHE A 1107 7.39 19.95 19.05
N THR A 1108 6.14 19.80 19.52
CA THR A 1108 5.78 20.33 20.83
C THR A 1108 6.59 19.66 21.93
N VAL A 1109 6.71 18.33 21.88
CA VAL A 1109 7.48 17.61 22.90
C VAL A 1109 8.95 18.00 22.84
N ILE A 1110 9.47 18.21 21.64
CA ILE A 1110 10.86 18.66 21.49
C ILE A 1110 11.03 20.04 22.12
N PHE A 1111 10.12 20.95 21.83
CA PHE A 1111 10.26 22.33 22.30
C PHE A 1111 10.12 22.42 23.81
N LEU A 1112 9.22 21.64 24.40
CA LEU A 1112 8.97 21.74 25.84
C LEU A 1112 10.21 21.37 26.65
N THR A 1113 10.80 20.21 26.38
CA THR A 1113 11.93 19.75 27.17
C THR A 1113 13.21 20.52 26.84
N LEU A 1114 13.46 20.76 25.55
CA LEU A 1114 14.72 21.39 25.15
C LEU A 1114 14.82 22.82 25.65
N CYS A 1115 13.73 23.57 25.57
CA CYS A 1115 13.75 24.98 25.99
C CYS A 1115 13.93 25.13 27.49
N LYS A 1116 13.64 24.08 28.27
CA LYS A 1116 13.72 24.19 29.73
C LYS A 1116 15.15 24.40 30.20
N GLU A 1117 16.12 23.71 29.58
CA GLU A 1117 17.49 23.70 30.08
C GLU A 1117 18.48 24.39 29.14
N TYR A 1118 18.03 24.91 28.00
CA TYR A 1118 18.92 25.51 27.01
C TYR A 1118 18.43 26.92 26.67
N PRO A 1119 18.83 27.93 27.45
CA PRO A 1119 18.44 29.30 27.10
C PRO A 1119 18.95 29.76 25.75
N SER A 1120 20.11 29.25 25.31
CA SER A 1120 20.65 29.64 24.01
C SER A 1120 19.76 29.18 22.86
N ALA A 1121 18.97 28.14 23.07
CA ALA A 1121 18.04 27.70 22.03
C ALA A 1121 16.96 28.72 21.76
N ARG A 1122 16.55 29.48 22.78
CA ARG A 1122 15.48 30.46 22.61
C ARG A 1122 15.87 31.52 21.60
N ALA A 1123 17.14 31.92 21.57
CA ALA A 1123 17.60 32.86 20.56
C ALA A 1123 17.46 32.27 19.16
N PHE A 1124 17.78 30.97 19.00
CA PHE A 1124 17.64 30.33 17.71
C PHE A 1124 16.19 30.29 17.27
N LEU A 1125 15.27 29.98 18.18
CA LEU A 1125 13.85 29.97 17.84
C LEU A 1125 13.37 31.37 17.48
N PHE A 1126 13.84 32.38 18.21
CA PHE A 1126 13.47 33.76 17.88
C PHE A 1126 13.97 34.14 16.50
N GLU A 1127 15.19 33.73 16.15
CA GLU A 1127 15.74 34.02 14.83
C GLU A 1127 14.94 33.31 13.73
N ILE A 1128 14.60 32.04 13.95
CA ILE A 1128 13.87 31.29 12.93
C ILE A 1128 12.46 31.83 12.75
N SER A 1129 11.76 32.06 13.86
CA SER A 1129 10.35 32.45 13.79
C SER A 1129 10.16 33.92 13.44
N ASN A 1130 11.24 34.69 13.31
CA ASN A 1130 11.19 36.08 12.88
C ASN A 1130 10.35 36.94 13.83
N GLY A 1131 10.84 37.04 15.06
CA GLY A 1131 10.30 37.97 16.03
C GLY A 1131 9.17 37.48 16.91
N TYR A 1132 8.89 36.17 16.91
CA TYR A 1132 7.86 35.63 17.79
C TYR A 1132 8.38 35.55 19.21
N ASN A 1133 7.50 35.84 20.17
CA ASN A 1133 7.86 35.82 21.59
C ASN A 1133 7.96 34.36 22.05
N ILE A 1134 9.15 33.80 21.84
CA ILE A 1134 9.39 32.41 22.24
C ILE A 1134 9.32 32.28 23.75
N ASP A 1135 9.87 33.25 24.48
CA ASP A 1135 9.83 33.20 25.94
C ASP A 1135 8.39 33.24 26.45
N GLU A 1136 7.55 34.05 25.82
CA GLU A 1136 6.13 34.09 26.21
C GLU A 1136 5.46 32.75 25.95
N LEU A 1137 5.85 32.06 24.88
CA LEU A 1137 5.26 30.76 24.59
C LEU A 1137 5.57 29.75 25.69
N TYR A 1138 6.80 29.78 26.21
CA TYR A 1138 7.19 28.81 27.23
C TYR A 1138 6.36 29.00 28.50
N ARG A 1139 6.21 30.25 28.95
CA ARG A 1139 5.46 30.50 30.17
C ARG A 1139 3.95 30.30 29.97
N ASN A 1140 3.44 30.63 28.78
CA ASN A 1140 2.02 30.44 28.51
C ASN A 1140 1.65 28.96 28.48
N LEU A 1141 2.53 28.13 27.90
CA LEU A 1141 2.22 26.72 27.77
C LEU A 1141 2.31 26.00 29.11
N ARG A 1142 3.30 26.35 29.94
CA ARG A 1142 3.51 25.64 31.18
C ARG A 1142 2.34 25.79 32.15
N SER A 1143 1.49 26.80 31.95
CA SER A 1143 0.33 26.97 32.82
C SER A 1143 -0.69 25.84 32.63
N VAL A 1144 -0.81 25.31 31.41
CA VAL A 1144 -1.77 24.25 31.10
C VAL A 1144 -1.01 22.97 30.86
N ASP A 1145 -1.32 21.94 31.67
CA ASP A 1145 -0.66 20.65 31.51
C ASP A 1145 -1.20 19.85 30.34
N GLU A 1146 -2.49 19.99 30.04
CA GLU A 1146 -3.10 19.20 28.98
C GLU A 1146 -2.54 19.59 27.62
N TYR A 1147 -2.14 18.60 26.83
CA TYR A 1147 -1.57 18.86 25.51
C TYR A 1147 -2.63 19.39 24.54
N LYS A 1148 -3.89 19.03 24.76
CA LYS A 1148 -4.95 19.44 23.81
C LYS A 1148 -5.07 20.95 23.75
N THR A 1149 -4.98 21.64 24.89
CA THR A 1149 -5.03 23.09 24.88
C THR A 1149 -3.80 23.69 24.19
N GLN A 1150 -2.63 23.09 24.41
CA GLN A 1150 -1.40 23.59 23.80
C GLN A 1150 -1.40 23.44 22.28
N ARG A 1151 -2.26 22.59 21.74
CA ARG A 1151 -2.34 22.43 20.29
C ARG A 1151 -2.77 23.73 19.62
N ALA A 1152 -3.74 24.42 20.22
CA ALA A 1152 -4.17 25.71 19.67
C ALA A 1152 -3.04 26.73 19.69
N LEU A 1153 -2.29 26.79 20.79
CA LEU A 1153 -1.17 27.72 20.88
C LEU A 1153 -0.11 27.41 19.83
N MET A 1154 0.21 26.13 19.65
CA MET A 1154 1.20 25.77 18.64
C MET A 1154 0.69 26.05 17.23
N ILE A 1155 -0.61 25.85 16.99
CA ILE A 1155 -1.18 26.18 15.68
C ILE A 1155 -1.06 27.67 15.41
N ASP A 1156 -1.38 28.49 16.41
CA ASP A 1156 -1.25 29.94 16.25
C ASP A 1156 0.21 30.34 16.00
N PHE A 1157 1.14 29.70 16.73
CA PHE A 1157 2.56 29.98 16.52
C PHE A 1157 3.01 29.61 15.11
N ILE A 1158 2.54 28.46 14.61
CA ILE A 1158 2.90 28.03 13.27
C ILE A 1158 2.33 28.99 12.22
N ASP A 1159 1.09 29.44 12.43
CA ASP A 1159 0.46 30.35 11.48
C ASP A 1159 1.27 31.63 11.31
N TRP A 1160 1.91 32.10 12.39
CA TRP A 1160 2.78 33.26 12.28
C TRP A 1160 4.00 32.95 11.41
N VAL A 1161 4.58 31.76 11.60
CA VAL A 1161 5.79 31.40 10.84
C VAL A 1161 5.44 31.25 9.35
N LYS A 1162 4.35 30.57 9.05
CA LYS A 1162 3.97 30.36 7.65
C LYS A 1162 3.67 31.68 6.95
N SER A 1163 2.94 32.57 7.61
CA SER A 1163 2.63 33.86 7.02
C SER A 1163 3.89 34.71 6.82
N THR A 1164 4.79 34.70 7.79
CA THR A 1164 6.01 35.51 7.68
C THR A 1164 6.93 34.97 6.59
N SER A 1165 7.09 33.65 6.53
CA SER A 1165 7.98 33.03 5.56
C SER A 1165 7.32 32.76 4.22
N GLY A 1166 6.03 33.05 4.08
CA GLY A 1166 5.32 32.83 2.84
C GLY A 1166 5.69 33.82 1.76
N ALA A 1175 -6.81 32.99 -11.95
CA ALA A 1175 -7.26 32.24 -13.12
C ALA A 1175 -7.41 30.76 -12.79
N GLY A 1176 -6.31 30.02 -12.93
CA GLY A 1176 -6.32 28.60 -12.64
C GLY A 1176 -6.30 28.24 -11.17
N ASP A 1177 -6.09 29.22 -10.29
CA ASP A 1177 -6.09 28.95 -8.86
C ASP A 1177 -7.47 28.52 -8.38
N GLU A 1178 -8.53 29.14 -8.91
CA GLU A 1178 -9.88 28.81 -8.48
C GLU A 1178 -10.22 27.35 -8.77
N ARG A 1179 -9.86 26.87 -9.97
CA ARG A 1179 -10.14 25.48 -10.31
C ARG A 1179 -9.25 24.53 -9.52
N LYS A 1180 -7.99 24.92 -9.28
CA LYS A 1180 -7.07 24.03 -8.58
C LYS A 1180 -7.50 23.81 -7.14
N ARG A 1181 -7.86 24.89 -6.43
CA ARG A 1181 -8.31 24.75 -5.05
C ARG A 1181 -9.61 23.97 -4.97
N GLN A 1182 -10.53 24.20 -5.91
CA GLN A 1182 -11.78 23.46 -5.92
C GLN A 1182 -11.54 21.97 -6.13
N GLU A 1183 -10.65 21.63 -7.07
CA GLU A 1183 -10.34 20.22 -7.31
C GLU A 1183 -9.67 19.58 -6.11
N LYS A 1184 -8.75 20.31 -5.47
CA LYS A 1184 -8.08 19.78 -4.29
C LYS A 1184 -9.07 19.56 -3.15
N ARG A 1185 -9.99 20.51 -2.96
CA ARG A 1185 -11.00 20.35 -1.91
C ARG A 1185 -11.92 19.16 -2.21
N GLU A 1186 -12.31 18.99 -3.47
CA GLU A 1186 -13.14 17.85 -3.83
C GLU A 1186 -12.40 16.54 -3.57
N ALA A 1187 -11.11 16.49 -3.93
CA ALA A 1187 -10.34 15.27 -3.73
C ALA A 1187 -10.19 14.94 -2.24
N ILE A 1188 -9.87 15.95 -1.42
CA ILE A 1188 -9.71 15.68 0.01
C ILE A 1188 -11.05 15.33 0.65
N LEU A 1189 -12.15 15.92 0.17
CA LEU A 1189 -13.47 15.56 0.67
C LEU A 1189 -13.80 14.11 0.33
N LYS A 1190 -13.48 13.69 -0.90
CA LYS A 1190 -13.71 12.29 -1.28
C LYS A 1190 -12.86 11.35 -0.44
N LYS A 1191 -11.60 11.73 -0.18
CA LYS A 1191 -10.75 10.90 0.67
C LYS A 1191 -11.29 10.79 2.08
N ALA A 1192 -11.78 11.90 2.63
CA ALA A 1192 -12.39 11.87 3.96
C ALA A 1192 -13.64 11.01 3.99
N ASN A 1193 -14.45 11.09 2.92
CA ASN A 1193 -15.64 10.25 2.85
C ASN A 1193 -15.28 8.77 2.80
N GLU A 1194 -14.24 8.43 2.03
CA GLU A 1194 -13.80 7.03 1.99
C GLU A 1194 -13.25 6.58 3.33
N ARG A 1195 -12.52 7.46 4.02
CA ARG A 1195 -12.00 7.11 5.35
C ARG A 1195 -13.15 6.87 6.34
N LEU A 1196 -14.17 7.73 6.28
CA LEU A 1196 -15.33 7.54 7.15
C LEU A 1196 -16.06 6.25 6.82
N ILE A 1197 -16.21 5.95 5.53
CA ILE A 1197 -16.99 4.79 5.11
C ILE A 1197 -16.30 3.50 5.55
N LYS A 1198 -14.99 3.43 5.37
CA LYS A 1198 -14.20 2.25 5.73
C LYS A 1198 -13.78 2.24 7.19
N LYS A 1199 -14.50 2.96 8.06
CA LYS A 1199 -14.17 2.98 9.48
C LYS A 1199 -14.21 1.58 10.06
N ASN A 1200 -13.25 1.29 10.94
CA ASN A 1200 -13.01 0.00 11.59
C ASN A 1200 -12.45 -1.04 10.63
N LYS A 1201 -12.34 -0.73 9.35
CA LYS A 1201 -11.64 -1.58 8.39
C LYS A 1201 -10.26 -1.03 8.04
N GLU A 1202 -10.17 0.29 7.82
CA GLU A 1202 -8.87 0.92 7.62
C GLU A 1202 -8.15 1.12 8.95
N ASN A 1203 -8.76 1.89 9.86
CA ASN A 1203 -8.19 2.17 11.17
C ASN A 1203 -6.77 2.75 11.03
N GLY A 1204 -6.60 3.63 10.07
CA GLY A 1204 -5.30 4.22 9.79
C GLY A 1204 -4.45 3.36 8.89
N ASP A 1205 -3.44 3.99 8.29
CA ASP A 1205 -2.52 3.31 7.40
C ASP A 1205 -1.09 3.51 7.90
N MET A 1206 -0.37 2.39 8.04
CA MET A 1206 1.02 2.41 8.48
C MET A 1206 1.82 1.45 7.60
N LEU A 1207 3.05 1.18 7.99
CA LEU A 1207 3.91 0.26 7.25
C LEU A 1207 4.08 -1.05 8.00
#